data_6B98
#
_entry.id   6B98
#
_cell.length_a   72.034
_cell.length_b   94.186
_cell.length_c   102.526
_cell.angle_alpha   90.00
_cell.angle_beta   90.00
_cell.angle_gamma   90.00
#
_symmetry.space_group_name_H-M   'P 21 21 21'
#
loop_
_entity.id
_entity.type
_entity.pdbx_description
1 polymer "cGMP-dependent 3',5'-cyclic phosphodiesterase"
2 non-polymer 'ZINC ION'
3 non-polymer 'MAGNESIUM ION'
4 non-polymer 6-chloro-N,1-dimethyl-1H-pyrazolo[3,4-d]pyrimidin-4-amine
5 water water
#
_entity_poly.entity_id   1
_entity_poly.type   'polypeptide(L)'
_entity_poly.pdbx_seq_one_letter_code
;MHHHHHHENLYFQGELSTSLYKKAGFDDDDKSDDEYTKLLHDGIQPVAAIDSNFASFTYTPRSLPEDDTSMAILSMLQDM
NFINNYKIDCPTLARFCLMVKKGYRDPPYHNWMHAFSVSHFCYLLYKNLELTNYLEDIEIFALFISCMCHDLDHRGTNNS
FQVASKSVLAALYSSEGSVMERHHFAQAIAILNTHGCNIFDHFSRKDYQRMLDLMRDIILATDLAHHLRIFKDLQKMAEV
GYDRNNKQHHRLLLCLLMTSCDLSDQTKGWKTTRKIAELIYKEFFSQGDLEKAMGNRPMEMMDREKAYIPELQISFMEHI
AMPIYKLLQDLFPKAAELYERVASNREHWTKVSHKFTIRGLPSNNSLDFLDEE
;
_entity_poly.pdbx_strand_id   A,B
#
# COMPACT_ATOMS: atom_id res chain seq x y z
N THR A 18 20.94 9.69 -23.57
CA THR A 18 21.80 8.91 -22.66
C THR A 18 20.96 8.40 -21.46
N SER A 19 20.02 9.23 -20.97
CA SER A 19 19.06 8.91 -19.92
C SER A 19 17.72 8.68 -20.64
N LEU A 20 17.74 8.77 -22.00
CA LEU A 20 16.57 8.59 -22.87
C LEU A 20 16.41 7.12 -23.19
N TYR A 21 15.36 6.50 -22.62
CA TYR A 21 15.08 5.08 -22.80
C TYR A 21 13.72 4.89 -23.39
N LYS A 22 13.70 4.29 -24.57
CA LYS A 22 12.56 4.05 -25.44
C LYS A 22 11.65 2.92 -25.07
N LYS A 23 10.36 3.12 -25.34
CA LYS A 23 9.30 2.12 -25.22
C LYS A 23 9.08 1.75 -26.73
N ALA A 24 9.09 0.45 -27.08
CA ALA A 24 8.95 0.00 -28.48
C ALA A 24 7.57 0.24 -29.11
N GLY A 25 6.53 0.23 -28.29
CA GLY A 25 5.17 0.44 -28.77
C GLY A 25 4.35 1.30 -27.83
N PHE A 26 3.02 1.15 -27.93
CA PHE A 26 2.04 1.89 -27.12
C PHE A 26 1.25 0.93 -26.22
N TYR A 36 3.58 -13.45 -32.85
CA TYR A 36 2.60 -14.11 -31.98
C TYR A 36 2.24 -15.51 -32.48
N THR A 37 1.98 -15.64 -33.79
CA THR A 37 1.64 -16.92 -34.43
C THR A 37 2.90 -17.79 -34.48
N LYS A 38 4.07 -17.15 -34.76
CA LYS A 38 5.39 -17.77 -34.84
C LYS A 38 5.86 -18.34 -33.48
N LEU A 39 5.04 -18.16 -32.43
CA LEU A 39 5.30 -18.64 -31.08
C LEU A 39 4.44 -19.89 -30.77
N LEU A 40 3.43 -20.18 -31.63
CA LEU A 40 2.53 -21.33 -31.47
C LEU A 40 2.54 -22.30 -32.64
N HIS A 41 2.76 -21.79 -33.88
CA HIS A 41 2.82 -22.59 -35.10
C HIS A 41 4.05 -23.49 -35.03
N ASP A 42 5.11 -23.01 -34.34
CA ASP A 42 6.35 -23.73 -34.12
C ASP A 42 6.16 -24.77 -33.00
N GLY A 43 5.40 -24.38 -31.96
CA GLY A 43 5.08 -25.20 -30.78
C GLY A 43 5.91 -24.87 -29.55
N ILE A 44 5.42 -25.21 -28.34
CA ILE A 44 6.13 -24.97 -27.07
C ILE A 44 7.29 -25.97 -26.99
N GLN A 45 8.51 -25.47 -26.77
CA GLN A 45 9.70 -26.32 -26.73
C GLN A 45 9.92 -27.01 -25.40
N PRO A 46 10.37 -28.29 -25.38
CA PRO A 46 10.71 -28.91 -24.09
C PRO A 46 11.99 -28.20 -23.59
N VAL A 47 12.12 -27.95 -22.28
CA VAL A 47 13.27 -27.22 -21.68
C VAL A 47 14.67 -27.72 -22.12
N ALA A 48 14.90 -29.05 -22.23
CA ALA A 48 16.21 -29.57 -22.66
C ALA A 48 16.60 -29.20 -24.09
N ALA A 49 15.61 -28.92 -24.97
CA ALA A 49 15.90 -28.52 -26.35
C ALA A 49 16.43 -27.10 -26.37
N ILE A 50 16.07 -26.30 -25.35
CA ILE A 50 16.57 -24.92 -25.20
C ILE A 50 18.05 -25.08 -24.77
N ASP A 51 18.29 -25.83 -23.68
CA ASP A 51 19.64 -26.12 -23.16
C ASP A 51 19.58 -27.28 -22.14
N SER A 52 20.50 -28.23 -22.23
CA SER A 52 20.58 -29.37 -21.31
C SER A 52 20.84 -28.87 -19.87
N ASN A 53 21.46 -27.68 -19.73
CA ASN A 53 21.77 -27.08 -18.45
C ASN A 53 20.74 -26.04 -18.02
N PHE A 54 19.59 -25.95 -18.74
CA PHE A 54 18.52 -24.98 -18.47
C PHE A 54 17.90 -25.01 -17.07
N ALA A 55 17.83 -26.19 -16.41
CA ALA A 55 17.23 -26.34 -15.08
C ALA A 55 18.26 -26.32 -13.91
N SER A 56 19.48 -25.90 -14.21
CA SER A 56 20.61 -25.85 -13.28
C SER A 56 20.94 -24.45 -12.75
N PHE A 57 21.42 -24.37 -11.48
CA PHE A 57 21.87 -23.10 -10.89
C PHE A 57 23.11 -22.53 -11.63
N THR A 58 23.73 -23.32 -12.54
CA THR A 58 24.91 -22.88 -13.30
C THR A 58 24.53 -22.35 -14.67
N TYR A 59 23.23 -22.28 -14.97
CA TYR A 59 22.78 -21.75 -16.24
C TYR A 59 22.82 -20.23 -16.15
N THR A 60 23.17 -19.58 -17.25
CA THR A 60 23.21 -18.11 -17.35
C THR A 60 22.08 -17.71 -18.32
N PRO A 61 20.87 -17.38 -17.80
CA PRO A 61 19.75 -17.02 -18.69
C PRO A 61 20.04 -15.85 -19.65
N ARG A 62 21.00 -14.97 -19.29
CA ARG A 62 21.36 -13.82 -20.15
C ARG A 62 22.09 -14.23 -21.45
N SER A 63 22.56 -15.50 -21.52
CA SER A 63 23.23 -16.10 -22.68
C SER A 63 22.24 -16.45 -23.78
N LEU A 64 20.94 -16.58 -23.43
CA LEU A 64 19.88 -16.92 -24.37
C LEU A 64 19.54 -15.70 -25.25
N PRO A 65 19.53 -15.86 -26.60
CA PRO A 65 19.18 -14.73 -27.47
C PRO A 65 17.83 -14.13 -27.07
N GLU A 66 17.74 -12.80 -27.10
CA GLU A 66 16.53 -12.08 -26.73
C GLU A 66 15.30 -12.59 -27.48
N ASP A 67 15.43 -12.87 -28.80
CA ASP A 67 14.34 -13.39 -29.62
C ASP A 67 13.81 -14.75 -29.17
N ASP A 68 14.60 -15.52 -28.39
CA ASP A 68 14.19 -16.84 -27.90
C ASP A 68 13.54 -16.84 -26.50
N THR A 69 13.65 -15.72 -25.76
CA THR A 69 13.17 -15.57 -24.37
C THR A 69 11.67 -15.77 -24.21
N SER A 70 10.82 -15.29 -25.16
CA SER A 70 9.36 -15.47 -25.03
C SER A 70 8.98 -16.97 -25.04
N MET A 71 9.62 -17.72 -25.95
CA MET A 71 9.47 -19.16 -26.10
C MET A 71 9.91 -19.84 -24.78
N ALA A 72 11.03 -19.37 -24.17
CA ALA A 72 11.58 -19.92 -22.92
C ALA A 72 10.63 -19.76 -21.74
N ILE A 73 9.94 -18.60 -21.65
CA ILE A 73 8.93 -18.33 -20.60
C ILE A 73 7.79 -19.38 -20.74
N LEU A 74 7.27 -19.59 -21.98
CA LEU A 74 6.20 -20.57 -22.25
C LEU A 74 6.66 -21.96 -21.82
N SER A 75 7.89 -22.35 -22.24
CA SER A 75 8.49 -23.65 -21.89
C SER A 75 8.62 -23.84 -20.38
N MET A 76 8.97 -22.78 -19.62
CA MET A 76 9.10 -22.88 -18.17
C MET A 76 7.75 -23.08 -17.50
N LEU A 77 6.70 -22.39 -18.02
CA LEU A 77 5.35 -22.50 -17.46
C LEU A 77 4.80 -23.88 -17.75
N GLN A 78 5.10 -24.42 -18.96
CA GLN A 78 4.71 -25.77 -19.41
C GLN A 78 5.40 -26.85 -18.58
N ASP A 79 6.70 -26.62 -18.22
CA ASP A 79 7.53 -27.55 -17.43
C ASP A 79 7.21 -27.53 -15.93
N MET A 80 6.67 -26.40 -15.43
CA MET A 80 6.28 -26.31 -14.02
C MET A 80 4.81 -26.79 -13.90
N ASN A 81 4.23 -27.16 -15.07
CA ASN A 81 2.86 -27.62 -15.27
C ASN A 81 1.85 -26.57 -14.74
N PHE A 82 1.98 -25.32 -15.25
CA PHE A 82 1.10 -24.20 -14.88
C PHE A 82 0.04 -23.95 -15.94
N ILE A 83 0.36 -24.24 -17.22
CA ILE A 83 -0.56 -24.05 -18.34
C ILE A 83 -1.72 -25.08 -18.24
N ASN A 84 -1.41 -26.31 -17.82
CA ASN A 84 -2.41 -27.38 -17.68
C ASN A 84 -3.18 -27.31 -16.36
N ASN A 85 -2.48 -27.07 -15.24
CA ASN A 85 -3.09 -26.97 -13.90
C ASN A 85 -4.06 -25.79 -13.72
N TYR A 86 -3.98 -24.78 -14.61
CA TYR A 86 -4.81 -23.57 -14.56
C TYR A 86 -5.61 -23.32 -15.86
N LYS A 87 -5.54 -24.27 -16.83
CA LYS A 87 -6.21 -24.26 -18.14
C LYS A 87 -6.04 -22.94 -18.89
N ILE A 88 -4.79 -22.47 -18.95
CA ILE A 88 -4.41 -21.22 -19.59
C ILE A 88 -4.50 -21.36 -21.10
N ASP A 89 -5.13 -20.38 -21.75
CA ASP A 89 -5.27 -20.35 -23.20
C ASP A 89 -3.88 -19.99 -23.75
N CYS A 90 -3.30 -20.88 -24.58
CA CYS A 90 -1.96 -20.68 -25.14
C CYS A 90 -1.85 -19.41 -26.00
N PRO A 91 -2.78 -19.09 -26.95
CA PRO A 91 -2.65 -17.82 -27.71
C PRO A 91 -2.67 -16.58 -26.80
N THR A 92 -3.44 -16.65 -25.68
CA THR A 92 -3.59 -15.60 -24.66
C THR A 92 -2.27 -15.47 -23.89
N LEU A 93 -1.66 -16.63 -23.52
CA LEU A 93 -0.40 -16.68 -22.81
C LEU A 93 0.70 -16.11 -23.70
N ALA A 94 0.70 -16.49 -24.99
CA ALA A 94 1.63 -16.01 -26.01
C ALA A 94 1.52 -14.48 -26.15
N ARG A 95 0.27 -13.94 -26.13
CA ARG A 95 -0.01 -12.51 -26.24
C ARG A 95 0.47 -11.76 -24.98
N PHE A 96 0.07 -12.26 -23.77
CA PHE A 96 0.47 -11.70 -22.48
C PHE A 96 2.00 -11.60 -22.34
N CYS A 97 2.75 -12.67 -22.74
CA CYS A 97 4.22 -12.72 -22.66
C CYS A 97 4.85 -11.68 -23.56
N LEU A 98 4.26 -11.51 -24.77
CA LEU A 98 4.76 -10.53 -25.72
C LEU A 98 4.52 -9.09 -25.25
N MET A 99 3.41 -8.87 -24.53
CA MET A 99 2.98 -7.59 -23.96
C MET A 99 3.90 -7.21 -22.81
N VAL A 100 4.14 -8.17 -21.89
CA VAL A 100 5.01 -7.98 -20.75
C VAL A 100 6.41 -7.63 -21.29
N LYS A 101 6.93 -8.39 -22.29
CA LYS A 101 8.25 -8.15 -22.90
C LYS A 101 8.32 -6.73 -23.47
N LYS A 102 7.29 -6.32 -24.24
CA LYS A 102 7.15 -5.00 -24.87
C LYS A 102 6.93 -3.89 -23.81
N GLY A 103 6.55 -4.28 -22.60
CA GLY A 103 6.29 -3.37 -21.49
C GLY A 103 7.54 -2.79 -20.84
N TYR A 104 8.71 -3.29 -21.22
CA TYR A 104 10.00 -2.84 -20.70
C TYR A 104 10.67 -1.85 -21.63
N ARG A 105 11.40 -0.88 -21.06
CA ARG A 105 12.15 0.10 -21.83
C ARG A 105 13.56 -0.46 -21.99
N ASP A 106 14.47 0.32 -22.55
CA ASP A 106 15.81 -0.18 -22.78
C ASP A 106 16.90 0.49 -21.90
N PRO A 107 16.76 0.67 -20.55
CA PRO A 107 17.89 1.20 -19.78
C PRO A 107 18.95 0.09 -19.70
N PRO A 108 20.20 0.37 -19.31
CA PRO A 108 21.23 -0.70 -19.33
C PRO A 108 20.90 -1.93 -18.47
N TYR A 109 20.30 -1.73 -17.29
CA TYR A 109 20.02 -2.87 -16.42
C TYR A 109 18.53 -3.25 -16.29
N HIS A 110 17.64 -2.28 -15.97
CA HIS A 110 16.22 -2.57 -15.72
C HIS A 110 15.39 -2.70 -17.00
N ASN A 111 15.76 -3.69 -17.82
CA ASN A 111 15.14 -3.97 -19.11
C ASN A 111 14.50 -5.40 -19.12
N TRP A 112 13.99 -5.87 -20.27
CA TRP A 112 13.35 -7.20 -20.36
C TRP A 112 14.29 -8.37 -20.01
N MET A 113 15.56 -8.34 -20.48
CA MET A 113 16.51 -9.41 -20.18
C MET A 113 16.71 -9.59 -18.69
N HIS A 114 16.60 -8.49 -17.92
CA HIS A 114 16.70 -8.58 -16.46
C HIS A 114 15.45 -9.35 -15.93
N ALA A 115 14.24 -8.94 -16.35
CA ALA A 115 13.00 -9.59 -15.91
C ALA A 115 13.01 -11.07 -16.32
N PHE A 116 13.49 -11.37 -17.52
CA PHE A 116 13.59 -12.74 -18.02
C PHE A 116 14.52 -13.57 -17.14
N SER A 117 15.70 -13.03 -16.79
CA SER A 117 16.67 -13.76 -15.97
C SER A 117 16.16 -13.93 -14.53
N VAL A 118 15.39 -12.96 -14.05
CA VAL A 118 14.78 -13.00 -12.72
C VAL A 118 13.72 -14.14 -12.69
N SER A 119 12.89 -14.22 -13.75
CA SER A 119 11.84 -15.26 -13.91
C SER A 119 12.52 -16.63 -13.99
N HIS A 120 13.65 -16.73 -14.74
CA HIS A 120 14.38 -17.99 -14.84
C HIS A 120 14.85 -18.49 -13.49
N PHE A 121 15.33 -17.61 -12.60
CA PHE A 121 15.79 -18.02 -11.27
C PHE A 121 14.62 -18.55 -10.46
N CYS A 122 13.40 -17.95 -10.62
CA CYS A 122 12.23 -18.44 -9.91
C CYS A 122 11.97 -19.90 -10.30
N TYR A 123 12.06 -20.19 -11.60
CA TYR A 123 11.91 -21.52 -12.17
C TYR A 123 12.99 -22.45 -11.59
N LEU A 124 14.26 -21.96 -11.44
CA LEU A 124 15.36 -22.74 -10.85
C LEU A 124 15.07 -23.11 -9.41
N LEU A 125 14.46 -22.17 -8.64
CA LEU A 125 14.09 -22.41 -7.24
C LEU A 125 13.03 -23.52 -7.16
N TYR A 126 12.08 -23.54 -8.10
CA TYR A 126 11.02 -24.54 -8.21
C TYR A 126 11.61 -25.92 -8.53
N LYS A 127 12.52 -25.97 -9.52
CA LYS A 127 13.14 -27.22 -9.97
C LYS A 127 14.13 -27.84 -9.01
N ASN A 128 14.90 -27.02 -8.29
CA ASN A 128 15.97 -27.44 -7.39
C ASN A 128 15.63 -27.46 -5.91
N LEU A 129 14.85 -26.49 -5.44
CA LEU A 129 14.45 -26.51 -4.04
C LEU A 129 13.05 -27.07 -4.08
N GLU A 130 12.60 -27.68 -3.02
CA GLU A 130 11.27 -28.27 -3.03
C GLU A 130 10.31 -27.18 -2.53
N LEU A 131 9.99 -26.19 -3.40
CA LEU A 131 9.13 -25.06 -3.07
C LEU A 131 7.72 -25.46 -2.59
N THR A 132 7.14 -26.53 -3.18
CA THR A 132 5.81 -27.05 -2.83
C THR A 132 5.77 -27.49 -1.35
N ASN A 133 6.93 -27.86 -0.78
CA ASN A 133 7.07 -28.28 0.62
C ASN A 133 7.17 -27.07 1.57
N TYR A 134 7.03 -25.84 1.04
CA TYR A 134 7.13 -24.60 1.83
C TYR A 134 6.00 -23.62 1.53
N LEU A 135 5.56 -23.55 0.26
CA LEU A 135 4.51 -22.62 -0.19
C LEU A 135 3.42 -23.29 -0.98
N GLU A 136 2.23 -22.65 -1.01
CA GLU A 136 1.07 -23.11 -1.77
C GLU A 136 1.40 -22.96 -3.25
N ASP A 137 0.77 -23.78 -4.12
CA ASP A 137 1.00 -23.74 -5.57
C ASP A 137 0.71 -22.36 -6.16
N ILE A 138 -0.32 -21.67 -5.64
CA ILE A 138 -0.72 -20.35 -6.10
C ILE A 138 0.31 -19.28 -5.72
N GLU A 139 1.05 -19.50 -4.62
CA GLU A 139 2.08 -18.57 -4.15
C GLU A 139 3.32 -18.65 -5.06
N ILE A 140 3.55 -19.83 -5.69
CA ILE A 140 4.65 -20.11 -6.62
C ILE A 140 4.35 -19.55 -8.02
N PHE A 141 3.12 -19.77 -8.55
CA PHE A 141 2.68 -19.29 -9.86
C PHE A 141 2.64 -17.75 -9.87
N ALA A 142 2.36 -17.14 -8.70
CA ALA A 142 2.31 -15.69 -8.52
C ALA A 142 3.73 -15.13 -8.45
N LEU A 143 4.67 -15.91 -7.89
CA LEU A 143 6.07 -15.49 -7.79
C LEU A 143 6.65 -15.38 -9.18
N PHE A 144 6.38 -16.38 -10.06
CA PHE A 144 6.86 -16.40 -11.44
C PHE A 144 6.28 -15.24 -12.27
N ILE A 145 4.94 -15.08 -12.26
CA ILE A 145 4.27 -14.01 -13.00
C ILE A 145 4.77 -12.64 -12.47
N SER A 146 4.96 -12.50 -11.14
CA SER A 146 5.48 -11.28 -10.52
C SER A 146 6.90 -11.00 -10.99
N CYS A 147 7.78 -12.04 -11.07
CA CYS A 147 9.16 -11.91 -11.55
C CYS A 147 9.15 -11.31 -12.99
N MET A 148 8.26 -11.80 -13.86
CA MET A 148 8.12 -11.32 -15.23
C MET A 148 7.74 -9.84 -15.32
N CYS A 149 6.92 -9.38 -14.35
CA CYS A 149 6.32 -8.03 -14.26
C CYS A 149 6.98 -7.06 -13.28
N HIS A 150 7.85 -7.53 -12.36
CA HIS A 150 8.37 -6.76 -11.23
C HIS A 150 9.06 -5.43 -11.56
N ASP A 151 9.54 -5.22 -12.80
CA ASP A 151 10.19 -3.97 -13.19
C ASP A 151 9.54 -3.30 -14.39
N LEU A 152 8.29 -3.67 -14.73
CA LEU A 152 7.63 -3.10 -15.91
C LEU A 152 7.69 -1.60 -16.04
N ASP A 153 8.10 -1.11 -17.22
CA ASP A 153 8.15 0.32 -17.52
C ASP A 153 9.14 1.11 -16.63
N HIS A 154 10.18 0.44 -16.06
CA HIS A 154 11.23 1.09 -15.28
C HIS A 154 11.92 2.16 -16.20
N ARG A 155 12.27 3.31 -15.63
CA ARG A 155 12.85 4.42 -16.40
C ARG A 155 14.36 4.56 -16.26
N GLY A 156 14.99 3.63 -15.56
CA GLY A 156 16.43 3.72 -15.35
C GLY A 156 16.76 4.66 -14.19
N THR A 157 15.74 5.05 -13.40
CA THR A 157 15.87 5.93 -12.24
C THR A 157 15.21 5.30 -11.01
N ASN A 158 15.70 5.67 -9.82
CA ASN A 158 15.21 5.13 -8.55
C ASN A 158 14.02 5.94 -8.03
N ASN A 159 13.49 5.54 -6.86
CA ASN A 159 12.34 6.21 -6.24
C ASN A 159 12.60 7.67 -5.84
N SER A 160 13.81 7.98 -5.34
CA SER A 160 14.19 9.35 -4.95
C SER A 160 14.16 10.31 -6.14
N PHE A 161 14.62 9.85 -7.33
CA PHE A 161 14.61 10.66 -8.56
C PHE A 161 13.17 10.98 -8.98
N GLN A 162 12.21 10.04 -8.81
CA GLN A 162 10.81 10.29 -9.16
C GLN A 162 10.32 11.54 -8.40
N VAL A 163 10.59 11.56 -7.09
CA VAL A 163 10.23 12.67 -6.18
C VAL A 163 10.91 13.98 -6.61
N ALA A 164 12.24 13.97 -6.83
CA ALA A 164 13.06 15.13 -7.24
C ALA A 164 12.63 15.74 -8.56
N SER A 165 12.31 14.89 -9.55
CA SER A 165 11.90 15.33 -10.89
C SER A 165 10.42 15.67 -10.94
N LYS A 166 9.69 15.49 -9.82
CA LYS A 166 8.25 15.74 -9.68
C LYS A 166 7.47 15.09 -10.83
N SER A 167 7.79 13.81 -11.07
CA SER A 167 7.18 13.04 -12.15
C SER A 167 5.71 12.69 -11.84
N VAL A 168 4.95 12.26 -12.86
CA VAL A 168 3.55 11.83 -12.74
C VAL A 168 3.45 10.63 -11.75
N LEU A 169 4.47 9.74 -11.76
CA LEU A 169 4.53 8.58 -10.87
C LEU A 169 4.70 9.00 -9.42
N ALA A 170 5.54 10.03 -9.13
CA ALA A 170 5.73 10.50 -7.75
C ALA A 170 4.46 11.19 -7.25
N ALA A 171 3.76 11.93 -8.13
CA ALA A 171 2.51 12.62 -7.77
C ALA A 171 1.47 11.57 -7.32
N LEU A 172 1.39 10.47 -8.08
CA LEU A 172 0.52 9.33 -7.88
C LEU A 172 0.83 8.49 -6.63
N TYR A 173 2.11 8.13 -6.42
CA TYR A 173 2.52 7.21 -5.35
C TYR A 173 3.51 7.67 -4.26
N SER A 174 4.19 8.85 -4.35
CA SER A 174 5.19 9.21 -3.33
C SER A 174 4.68 9.24 -1.89
N SER A 175 3.46 9.76 -1.67
CA SER A 175 2.89 9.82 -0.32
C SER A 175 2.60 8.41 0.22
N GLU A 176 2.55 7.41 -0.69
CA GLU A 176 2.27 6.02 -0.34
C GLU A 176 3.53 5.17 -0.15
N GLY A 177 4.67 5.63 -0.67
CA GLY A 177 5.94 4.92 -0.57
C GLY A 177 6.12 3.97 -1.74
N SER A 178 7.37 3.55 -2.03
CA SER A 178 7.71 2.62 -3.14
C SER A 178 7.07 3.00 -4.47
N VAL A 179 7.36 4.22 -4.94
CA VAL A 179 6.83 4.81 -6.20
C VAL A 179 6.94 3.84 -7.41
N MET A 180 8.17 3.45 -7.81
CA MET A 180 8.34 2.56 -8.98
C MET A 180 7.63 1.24 -8.86
N GLU A 181 7.71 0.61 -7.70
CA GLU A 181 7.09 -0.71 -7.43
C GLU A 181 5.59 -0.67 -7.59
N ARG A 182 4.94 0.40 -7.06
CA ARG A 182 3.48 0.54 -7.25
C ARG A 182 3.20 0.73 -8.74
N HIS A 183 4.09 1.44 -9.49
CA HIS A 183 3.89 1.61 -10.93
C HIS A 183 4.04 0.28 -11.68
N HIS A 184 5.05 -0.56 -11.33
CA HIS A 184 5.27 -1.86 -11.99
C HIS A 184 4.02 -2.75 -11.87
N PHE A 185 3.43 -2.79 -10.67
CA PHE A 185 2.22 -3.55 -10.38
C PHE A 185 1.04 -3.01 -11.23
N ALA A 186 0.88 -1.67 -11.28
CA ALA A 186 -0.17 -1.01 -12.07
C ALA A 186 -0.07 -1.35 -13.55
N GLN A 187 1.18 -1.47 -14.09
CA GLN A 187 1.41 -1.82 -15.49
C GLN A 187 1.03 -3.28 -15.74
N ALA A 188 1.32 -4.17 -14.77
CA ALA A 188 1.01 -5.60 -14.85
C ALA A 188 -0.52 -5.76 -14.94
N ILE A 189 -1.26 -5.04 -14.06
CA ILE A 189 -2.74 -5.01 -14.01
C ILE A 189 -3.31 -4.49 -15.32
N ALA A 190 -2.70 -3.44 -15.90
CA ALA A 190 -3.10 -2.86 -17.19
C ALA A 190 -2.94 -3.88 -18.31
N ILE A 191 -1.87 -4.74 -18.22
CA ILE A 191 -1.66 -5.78 -19.23
C ILE A 191 -2.79 -6.81 -19.09
N LEU A 192 -3.13 -7.18 -17.85
CA LEU A 192 -4.21 -8.13 -17.52
C LEU A 192 -5.60 -7.60 -17.93
N ASN A 193 -5.73 -6.28 -18.16
CA ASN A 193 -6.97 -5.63 -18.57
C ASN A 193 -6.98 -5.27 -20.05
N THR A 194 -5.98 -5.80 -20.80
CA THR A 194 -5.87 -5.59 -22.25
C THR A 194 -6.56 -6.76 -22.93
N HIS A 195 -7.13 -6.51 -24.12
CA HIS A 195 -7.86 -7.46 -24.94
C HIS A 195 -7.01 -8.65 -25.42
N GLY A 196 -7.43 -9.84 -25.01
CA GLY A 196 -6.79 -11.12 -25.35
C GLY A 196 -5.50 -11.40 -24.60
N CYS A 197 -5.25 -10.65 -23.51
CA CYS A 197 -4.04 -10.80 -22.69
C CYS A 197 -4.32 -11.26 -21.30
N ASN A 198 -5.60 -11.34 -20.93
CA ASN A 198 -5.93 -11.80 -19.59
C ASN A 198 -5.83 -13.32 -19.49
N ILE A 199 -4.68 -13.77 -18.99
CA ILE A 199 -4.36 -15.19 -18.76
C ILE A 199 -5.16 -15.75 -17.58
N PHE A 200 -5.67 -14.86 -16.70
CA PHE A 200 -6.50 -15.27 -15.56
C PHE A 200 -8.00 -15.01 -15.83
N ASP A 201 -8.38 -14.76 -17.11
CA ASP A 201 -9.77 -14.46 -17.50
C ASP A 201 -10.80 -15.53 -17.07
N HIS A 202 -10.46 -16.81 -17.23
CA HIS A 202 -11.31 -17.96 -16.86
C HIS A 202 -11.39 -18.18 -15.34
N PHE A 203 -10.46 -17.59 -14.55
CA PHE A 203 -10.39 -17.72 -13.09
C PHE A 203 -11.66 -17.16 -12.45
N SER A 204 -12.04 -17.70 -11.29
CA SER A 204 -13.19 -17.24 -10.52
C SER A 204 -12.83 -15.87 -9.96
N ARG A 205 -13.84 -15.09 -9.50
CA ARG A 205 -13.59 -13.76 -8.93
C ARG A 205 -12.74 -13.86 -7.64
N LYS A 206 -12.83 -14.99 -6.92
CA LYS A 206 -12.07 -15.22 -5.69
C LYS A 206 -10.62 -15.55 -5.98
N ASP A 207 -10.36 -16.29 -7.08
CA ASP A 207 -9.01 -16.69 -7.51
C ASP A 207 -8.30 -15.65 -8.37
N TYR A 208 -9.07 -14.74 -8.98
CA TYR A 208 -8.53 -13.66 -9.79
C TYR A 208 -8.00 -12.62 -8.81
N GLN A 209 -8.75 -12.42 -7.70
CA GLN A 209 -8.40 -11.48 -6.67
C GLN A 209 -7.24 -11.93 -5.82
N ARG A 210 -7.09 -13.26 -5.61
CA ARG A 210 -5.99 -13.82 -4.82
C ARG A 210 -4.67 -13.54 -5.55
N MET A 211 -4.66 -13.74 -6.88
CA MET A 211 -3.52 -13.52 -7.76
C MET A 211 -3.05 -12.07 -7.69
N LEU A 212 -3.98 -11.12 -7.86
CA LEU A 212 -3.73 -9.67 -7.82
C LEU A 212 -3.05 -9.26 -6.51
N ASP A 213 -3.58 -9.75 -5.35
CA ASP A 213 -3.05 -9.47 -4.00
C ASP A 213 -1.64 -9.98 -3.76
N LEU A 214 -1.32 -11.19 -4.25
CA LEU A 214 0.01 -11.78 -4.08
C LEU A 214 1.00 -10.98 -4.94
N MET A 215 0.60 -10.65 -6.16
CA MET A 215 1.41 -9.87 -7.10
C MET A 215 1.76 -8.50 -6.57
N ARG A 216 0.81 -7.83 -5.87
CA ARG A 216 1.02 -6.51 -5.27
C ARG A 216 2.08 -6.59 -4.20
N ASP A 217 1.94 -7.57 -3.27
CA ASP A 217 2.88 -7.77 -2.17
C ASP A 217 4.25 -8.25 -2.68
N ILE A 218 4.27 -9.18 -3.64
CA ILE A 218 5.54 -9.71 -4.19
C ILE A 218 6.32 -8.58 -4.91
N ILE A 219 5.66 -7.85 -5.83
CA ILE A 219 6.27 -6.70 -6.55
C ILE A 219 6.72 -5.62 -5.56
N LEU A 220 5.94 -5.34 -4.48
CA LEU A 220 6.33 -4.33 -3.50
C LEU A 220 7.56 -4.73 -2.72
N ALA A 221 7.76 -6.04 -2.54
CA ALA A 221 8.92 -6.60 -1.84
C ALA A 221 10.22 -6.32 -2.60
N THR A 222 10.13 -6.02 -3.92
CA THR A 222 11.34 -5.72 -4.70
C THR A 222 11.95 -4.37 -4.31
N ASP A 223 11.26 -3.55 -3.49
CA ASP A 223 11.86 -2.29 -3.09
C ASP A 223 12.91 -2.66 -2.02
N LEU A 224 14.18 -2.28 -2.22
CA LEU A 224 15.25 -2.57 -1.25
C LEU A 224 15.03 -1.86 0.10
N ALA A 225 14.30 -0.70 0.11
CA ALA A 225 13.94 0.04 1.32
C ALA A 225 13.04 -0.85 2.16
N HIS A 226 12.21 -1.71 1.49
CA HIS A 226 11.33 -2.67 2.15
C HIS A 226 12.20 -3.78 2.75
N HIS A 227 13.29 -4.19 2.02
CA HIS A 227 14.20 -5.23 2.51
C HIS A 227 14.91 -4.76 3.79
N LEU A 228 15.37 -3.48 3.85
CA LEU A 228 16.03 -2.93 5.04
C LEU A 228 15.07 -3.01 6.26
N ARG A 229 13.75 -2.79 6.01
CA ARG A 229 12.66 -2.80 7.01
C ARG A 229 12.29 -4.21 7.48
N ILE A 230 12.40 -5.24 6.62
CA ILE A 230 12.02 -6.58 7.03
C ILE A 230 13.23 -7.52 7.33
N PHE A 231 14.51 -7.08 7.20
CA PHE A 231 15.68 -7.96 7.50
C PHE A 231 15.65 -8.49 8.96
N LYS A 232 15.30 -7.61 9.94
CA LYS A 232 15.22 -7.97 11.37
C LYS A 232 14.28 -9.16 11.59
N ASP A 233 13.17 -9.21 10.82
CA ASP A 233 12.15 -10.27 10.86
C ASP A 233 12.59 -11.47 10.08
N LEU A 234 13.33 -11.24 8.97
CA LEU A 234 13.86 -12.31 8.13
C LEU A 234 14.88 -13.16 8.91
N GLN A 235 15.89 -12.48 9.50
CA GLN A 235 16.95 -13.06 10.28
C GLN A 235 16.44 -13.85 11.49
N LYS A 236 15.35 -13.35 12.15
CA LYS A 236 14.73 -14.00 13.30
C LYS A 236 14.01 -15.28 12.89
N MET A 237 13.33 -15.28 11.71
CA MET A 237 12.62 -16.45 11.18
C MET A 237 13.64 -17.57 10.86
N ALA A 238 14.85 -17.19 10.38
CA ALA A 238 15.93 -18.13 10.04
C ALA A 238 16.49 -18.78 11.32
N GLU A 239 16.59 -17.99 12.42
CA GLU A 239 17.08 -18.40 13.72
C GLU A 239 16.15 -19.41 14.39
N VAL A 240 14.84 -19.08 14.46
CA VAL A 240 13.79 -19.91 15.06
C VAL A 240 13.43 -21.12 14.16
N GLY A 241 13.31 -20.91 12.86
CA GLY A 241 12.97 -21.95 11.90
C GLY A 241 11.61 -21.73 11.27
N TYR A 242 11.43 -22.21 10.03
CA TYR A 242 10.21 -22.12 9.19
C TYR A 242 9.05 -23.04 9.63
N ASP A 243 7.79 -22.72 9.19
CA ASP A 243 6.52 -23.45 9.43
C ASP A 243 5.65 -23.41 8.13
N ARG A 244 5.19 -24.59 7.65
CA ARG A 244 4.41 -24.75 6.41
C ARG A 244 2.89 -24.52 6.50
N ASN A 245 2.25 -24.80 7.66
CA ASN A 245 0.78 -24.63 7.81
C ASN A 245 0.43 -23.18 8.21
N ASN A 246 1.45 -22.45 8.67
CA ASN A 246 1.40 -21.05 9.10
C ASN A 246 1.20 -20.15 7.87
N LYS A 247 0.02 -19.49 7.74
CA LYS A 247 -0.32 -18.60 6.62
C LYS A 247 0.62 -17.39 6.51
N GLN A 248 1.16 -16.92 7.66
CA GLN A 248 2.08 -15.80 7.67
C GLN A 248 3.45 -16.14 7.14
N HIS A 249 4.21 -17.13 7.74
CA HIS A 249 5.60 -17.52 7.38
C HIS A 249 5.88 -17.52 5.87
N HIS A 250 4.85 -17.79 5.08
CA HIS A 250 4.84 -17.80 3.63
C HIS A 250 5.09 -16.39 3.03
N ARG A 251 4.85 -15.31 3.82
CA ARG A 251 4.98 -13.90 3.46
C ARG A 251 6.41 -13.41 3.58
N LEU A 252 7.10 -13.75 4.70
CA LEU A 252 8.49 -13.35 4.84
C LEU A 252 9.33 -14.15 3.83
N LEU A 253 8.87 -15.40 3.51
CA LEU A 253 9.54 -16.28 2.54
C LEU A 253 9.36 -15.78 1.12
N LEU A 254 8.13 -15.38 0.73
CA LEU A 254 7.88 -14.85 -0.61
C LEU A 254 8.71 -13.58 -0.86
N CYS A 255 8.93 -12.78 0.21
CA CYS A 255 9.71 -11.56 0.19
C CYS A 255 11.18 -11.91 -0.06
N LEU A 256 11.72 -12.89 0.71
CA LEU A 256 13.10 -13.33 0.58
C LEU A 256 13.36 -13.96 -0.79
N LEU A 257 12.46 -14.82 -1.26
CA LEU A 257 12.57 -15.49 -2.55
C LEU A 257 12.46 -14.51 -3.70
N MET A 258 11.64 -13.46 -3.58
CA MET A 258 11.52 -12.49 -4.67
C MET A 258 12.84 -11.73 -4.74
N THR A 259 13.38 -11.28 -3.60
CA THR A 259 14.67 -10.59 -3.54
C THR A 259 15.79 -11.53 -4.08
N SER A 260 15.71 -12.85 -3.78
CA SER A 260 16.67 -13.85 -4.25
C SER A 260 16.65 -13.91 -5.77
N CYS A 261 15.47 -13.83 -6.40
CA CYS A 261 15.38 -13.84 -7.87
C CYS A 261 15.94 -12.55 -8.44
N ASP A 262 15.58 -11.43 -7.80
CA ASP A 262 16.01 -10.10 -8.23
C ASP A 262 17.51 -9.93 -8.26
N LEU A 263 18.21 -10.50 -7.25
CA LEU A 263 19.67 -10.37 -7.15
C LEU A 263 20.45 -11.59 -7.62
N SER A 264 19.76 -12.53 -8.30
CA SER A 264 20.28 -13.80 -8.79
C SER A 264 21.48 -13.73 -9.74
N ASP A 265 21.79 -12.54 -10.31
CA ASP A 265 22.97 -12.39 -11.17
C ASP A 265 24.23 -12.54 -10.30
N GLN A 266 24.13 -12.26 -8.97
CA GLN A 266 25.27 -12.38 -8.05
C GLN A 266 25.65 -13.85 -7.78
N THR A 267 24.73 -14.79 -8.10
CA THR A 267 24.93 -16.22 -7.88
C THR A 267 25.56 -16.92 -9.09
N LYS A 268 25.85 -16.18 -10.16
CA LYS A 268 26.43 -16.73 -11.37
C LYS A 268 27.96 -16.63 -11.34
N GLY A 269 28.62 -16.78 -12.49
CA GLY A 269 30.07 -16.67 -12.56
C GLY A 269 30.53 -15.23 -12.42
N TRP A 270 31.82 -15.04 -12.14
N TRP A 270 31.81 -15.00 -12.10
CA TRP A 270 32.48 -13.75 -11.98
CA TRP A 270 32.31 -13.63 -11.91
C TRP A 270 32.15 -12.79 -13.13
C TRP A 270 32.13 -12.74 -13.16
N LYS A 271 32.19 -13.32 -14.37
CA LYS A 271 31.96 -12.57 -15.61
C LYS A 271 30.54 -12.00 -15.67
N THR A 272 29.53 -12.70 -15.10
CA THR A 272 28.13 -12.20 -15.06
C THR A 272 28.10 -11.04 -14.07
N THR A 273 28.69 -11.22 -12.87
CA THR A 273 28.74 -10.19 -11.83
C THR A 273 29.44 -8.94 -12.40
N ARG A 274 30.56 -9.13 -13.14
CA ARG A 274 31.31 -8.03 -13.76
C ARG A 274 30.46 -7.28 -14.77
N LYS A 275 29.76 -8.01 -15.63
CA LYS A 275 28.90 -7.40 -16.63
C LYS A 275 27.73 -6.63 -15.96
N ILE A 276 27.11 -7.22 -14.90
CA ILE A 276 25.96 -6.61 -14.22
C ILE A 276 26.38 -5.31 -13.52
N ALA A 277 27.60 -5.29 -12.93
CA ALA A 277 28.15 -4.10 -12.30
C ALA A 277 28.29 -3.02 -13.34
N GLU A 278 28.77 -3.37 -14.55
CA GLU A 278 28.96 -2.48 -15.68
C GLU A 278 27.61 -1.84 -16.12
N LEU A 279 26.54 -2.65 -16.16
CA LEU A 279 25.19 -2.19 -16.55
C LEU A 279 24.49 -1.38 -15.48
N ILE A 280 24.52 -1.84 -14.23
CA ILE A 280 23.81 -1.08 -13.19
C ILE A 280 24.49 0.26 -12.95
N TYR A 281 25.84 0.34 -12.98
CA TYR A 281 26.52 1.64 -12.79
C TYR A 281 26.39 2.52 -14.00
N LYS A 282 26.23 1.96 -15.21
CA LYS A 282 26.03 2.81 -16.38
C LYS A 282 24.65 3.46 -16.21
N GLU A 283 23.67 2.67 -15.71
CA GLU A 283 22.34 3.20 -15.46
C GLU A 283 22.35 4.24 -14.31
N PHE A 284 23.02 3.92 -13.18
CA PHE A 284 23.13 4.83 -12.03
C PHE A 284 23.79 6.16 -12.42
N PHE A 285 24.90 6.10 -13.21
CA PHE A 285 25.66 7.30 -13.61
C PHE A 285 24.84 8.20 -14.57
N SER A 286 24.00 7.60 -15.44
CA SER A 286 23.09 8.38 -16.31
C SER A 286 22.11 9.17 -15.44
N GLN A 287 21.57 8.55 -14.36
CA GLN A 287 20.68 9.26 -13.42
C GLN A 287 21.46 10.42 -12.78
N GLY A 288 22.68 10.12 -12.32
CA GLY A 288 23.58 11.10 -11.71
C GLY A 288 23.76 12.33 -12.57
N ASP A 289 24.04 12.13 -13.89
CA ASP A 289 24.23 13.20 -14.87
C ASP A 289 22.94 14.03 -15.04
N LEU A 290 21.77 13.36 -14.97
CA LEU A 290 20.48 14.03 -15.09
C LEU A 290 20.26 14.92 -13.87
N GLU A 291 20.61 14.40 -12.67
CA GLU A 291 20.49 15.12 -11.40
C GLU A 291 21.33 16.38 -11.37
N LYS A 292 22.53 16.30 -11.96
CA LYS A 292 23.49 17.41 -12.06
C LYS A 292 22.93 18.46 -12.99
N ALA A 293 22.30 18.02 -14.10
CA ALA A 293 21.65 18.90 -15.09
C ALA A 293 20.46 19.66 -14.48
N MET A 294 19.84 19.11 -13.41
CA MET A 294 18.72 19.71 -12.69
C MET A 294 19.25 20.56 -11.52
N GLY A 295 20.58 20.64 -11.39
CA GLY A 295 21.26 21.40 -10.35
C GLY A 295 21.26 20.75 -8.98
N ASN A 296 21.07 19.42 -8.93
CA ASN A 296 21.05 18.68 -7.68
C ASN A 296 22.25 17.77 -7.58
N ARG A 297 22.67 17.47 -6.35
CA ARG A 297 23.81 16.60 -6.08
C ARG A 297 23.34 15.15 -6.00
N PRO A 298 23.80 14.26 -6.91
CA PRO A 298 23.37 12.85 -6.84
C PRO A 298 24.03 12.10 -5.67
N MET A 299 23.50 10.90 -5.32
CA MET A 299 24.10 10.04 -4.29
C MET A 299 25.52 9.74 -4.81
N GLU A 300 26.46 9.44 -3.90
CA GLU A 300 27.84 9.13 -4.29
C GLU A 300 27.89 8.00 -5.33
N MET A 301 27.15 6.90 -5.10
CA MET A 301 27.15 5.74 -6.00
C MET A 301 26.62 6.02 -7.44
N MET A 302 25.95 7.17 -7.65
CA MET A 302 25.38 7.55 -8.95
C MET A 302 26.19 8.67 -9.58
N ASP A 303 27.27 9.09 -8.92
CA ASP A 303 28.11 10.15 -9.44
C ASP A 303 29.38 9.51 -10.04
N ARG A 304 29.53 9.55 -11.38
CA ARG A 304 30.67 8.98 -12.09
C ARG A 304 32.04 9.57 -11.68
N GLU A 305 32.02 10.75 -11.01
CA GLU A 305 33.20 11.46 -10.51
C GLU A 305 33.50 11.09 -9.04
N LYS A 306 32.61 10.34 -8.38
CA LYS A 306 32.80 9.97 -6.98
C LYS A 306 32.74 8.48 -6.70
N ALA A 307 31.94 7.73 -7.48
CA ALA A 307 31.76 6.31 -7.28
C ALA A 307 33.00 5.46 -7.62
N TYR A 308 33.36 4.55 -6.74
CA TYR A 308 34.46 3.62 -6.97
C TYR A 308 33.78 2.27 -6.99
N ILE A 309 33.44 1.80 -8.21
CA ILE A 309 32.67 0.56 -8.46
C ILE A 309 33.13 -0.65 -7.57
N PRO A 310 34.42 -1.09 -7.51
CA PRO A 310 34.74 -2.24 -6.65
C PRO A 310 34.30 -2.14 -5.20
N GLU A 311 34.54 -0.99 -4.55
CA GLU A 311 34.14 -0.78 -3.15
C GLU A 311 32.61 -0.78 -3.00
N LEU A 312 31.90 -0.14 -3.94
CA LEU A 312 30.43 -0.10 -3.90
C LEU A 312 29.84 -1.49 -4.11
N GLN A 313 30.42 -2.27 -5.04
CA GLN A 313 29.99 -3.63 -5.32
C GLN A 313 30.25 -4.52 -4.08
N ILE A 314 31.44 -4.39 -3.44
CA ILE A 314 31.76 -5.18 -2.24
C ILE A 314 30.77 -4.83 -1.11
N SER A 315 30.47 -3.53 -0.89
CA SER A 315 29.50 -3.10 0.16
C SER A 315 28.12 -3.73 -0.10
N PHE A 316 27.64 -3.65 -1.34
CA PHE A 316 26.34 -4.19 -1.74
C PHE A 316 26.34 -5.71 -1.50
N MET A 317 27.42 -6.41 -1.87
CA MET A 317 27.51 -7.86 -1.66
C MET A 317 27.53 -8.21 -0.16
N GLU A 318 28.31 -7.46 0.64
CA GLU A 318 28.40 -7.69 2.09
C GLU A 318 27.15 -7.30 2.85
N HIS A 319 26.56 -6.12 2.56
CA HIS A 319 25.37 -5.64 3.27
C HIS A 319 24.04 -6.18 2.77
N ILE A 320 23.88 -6.34 1.44
CA ILE A 320 22.61 -6.77 0.85
C ILE A 320 22.57 -8.23 0.38
N ALA A 321 23.30 -8.58 -0.69
CA ALA A 321 23.32 -9.90 -1.37
C ALA A 321 23.67 -11.12 -0.50
N MET A 322 24.88 -11.15 0.10
CA MET A 322 25.34 -12.28 0.93
C MET A 322 24.39 -12.55 2.09
N PRO A 323 23.95 -11.54 2.90
CA PRO A 323 23.00 -11.86 3.99
C PRO A 323 21.71 -12.54 3.49
N ILE A 324 21.23 -12.21 2.28
CA ILE A 324 20.03 -12.80 1.66
C ILE A 324 20.26 -14.27 1.32
N TYR A 325 21.35 -14.57 0.61
CA TYR A 325 21.67 -15.93 0.21
C TYR A 325 22.05 -16.79 1.42
N LYS A 326 22.61 -16.17 2.48
CA LYS A 326 22.95 -16.88 3.72
C LYS A 326 21.64 -17.31 4.41
N LEU A 327 20.62 -16.41 4.42
CA LEU A 327 19.29 -16.72 4.98
C LEU A 327 18.64 -17.81 4.18
N LEU A 328 18.77 -17.75 2.82
CA LEU A 328 18.19 -18.75 1.90
C LEU A 328 18.77 -20.17 2.17
N GLN A 329 20.07 -20.22 2.47
CA GLN A 329 20.84 -21.43 2.81
C GLN A 329 20.31 -21.96 4.15
N ASP A 330 20.09 -21.06 5.13
CA ASP A 330 19.56 -21.42 6.46
C ASP A 330 18.20 -22.11 6.37
N LEU A 331 17.38 -21.76 5.35
CA LEU A 331 16.06 -22.34 5.13
C LEU A 331 16.05 -23.54 4.19
N PHE A 332 16.96 -23.55 3.19
CA PHE A 332 17.05 -24.64 2.22
C PHE A 332 18.50 -25.09 2.14
N PRO A 333 18.86 -26.31 2.64
CA PRO A 333 20.28 -26.74 2.58
C PRO A 333 20.87 -26.79 1.16
N LYS A 334 20.05 -27.21 0.17
CA LYS A 334 20.39 -27.33 -1.26
C LYS A 334 20.75 -25.98 -1.91
N ALA A 335 20.47 -24.87 -1.21
CA ALA A 335 20.75 -23.50 -1.67
C ALA A 335 22.14 -23.08 -1.24
N ALA A 336 22.90 -23.94 -0.50
CA ALA A 336 24.27 -23.62 -0.07
C ALA A 336 25.21 -23.17 -1.22
N GLU A 337 25.12 -23.84 -2.39
CA GLU A 337 25.95 -23.51 -3.57
C GLU A 337 25.79 -22.06 -4.06
N LEU A 338 24.59 -21.47 -3.85
CA LEU A 338 24.28 -20.09 -4.22
C LEU A 338 25.05 -19.12 -3.35
N TYR A 339 24.94 -19.26 -2.00
CA TYR A 339 25.68 -18.44 -1.04
C TYR A 339 27.19 -18.54 -1.34
N GLU A 340 27.71 -19.78 -1.52
CA GLU A 340 29.14 -19.97 -1.80
C GLU A 340 29.60 -19.18 -3.03
N ARG A 341 28.79 -19.18 -4.11
CA ARG A 341 29.12 -18.42 -5.33
C ARG A 341 29.08 -16.92 -5.11
N VAL A 342 28.12 -16.41 -4.30
CA VAL A 342 28.05 -14.98 -3.98
C VAL A 342 29.33 -14.57 -3.23
N ALA A 343 29.66 -15.30 -2.12
CA ALA A 343 30.87 -15.08 -1.29
C ALA A 343 32.15 -15.11 -2.15
N SER A 344 32.25 -16.08 -3.07
CA SER A 344 33.37 -16.27 -4.00
C SER A 344 33.48 -15.07 -4.94
N ASN A 345 32.33 -14.58 -5.49
CA ASN A 345 32.31 -13.43 -6.38
C ASN A 345 32.80 -12.17 -5.66
N ARG A 346 32.39 -12.00 -4.40
CA ARG A 346 32.80 -10.87 -3.55
C ARG A 346 34.32 -10.89 -3.32
N GLU A 347 34.90 -12.10 -3.10
CA GLU A 347 36.35 -12.30 -2.88
C GLU A 347 37.09 -11.88 -4.15
N HIS A 348 36.55 -12.24 -5.31
CA HIS A 348 37.11 -11.91 -6.62
C HIS A 348 37.13 -10.39 -6.81
N TRP A 349 36.09 -9.66 -6.37
CA TRP A 349 36.03 -8.20 -6.47
C TRP A 349 37.11 -7.55 -5.59
N THR A 350 37.39 -8.14 -4.40
CA THR A 350 38.43 -7.63 -3.49
C THR A 350 39.80 -7.83 -4.14
N LYS A 351 40.04 -9.03 -4.71
CA LYS A 351 41.29 -9.39 -5.39
C LYS A 351 41.59 -8.53 -6.64
N VAL A 352 40.56 -8.18 -7.43
CA VAL A 352 40.76 -7.38 -8.67
C VAL A 352 40.77 -5.85 -8.43
N SER A 353 40.24 -5.35 -7.30
CA SER A 353 40.20 -3.91 -7.03
C SER A 353 41.56 -3.19 -7.27
N HIS A 354 42.69 -3.92 -7.13
CA HIS A 354 44.06 -3.41 -7.35
C HIS A 354 44.25 -2.95 -8.82
N LYS A 355 43.69 -3.70 -9.78
CA LYS A 355 43.73 -3.42 -11.22
C LYS A 355 42.62 -2.43 -11.68
N PHE A 356 41.89 -1.83 -10.72
CA PHE A 356 40.80 -0.87 -10.93
C PHE A 356 41.12 0.33 -10.04
N THR A 357 41.87 1.29 -10.58
CA THR A 357 42.32 2.46 -9.83
C THR A 357 41.44 3.71 -10.04
N ILE A 358 40.58 3.71 -11.09
CA ILE A 358 39.76 4.88 -11.39
C ILE A 358 38.35 4.85 -10.77
N ARG A 359 37.75 6.05 -10.65
CA ARG A 359 36.39 6.26 -10.17
C ARG A 359 35.55 6.18 -11.46
N GLY A 360 34.26 5.92 -11.32
CA GLY A 360 33.37 5.79 -12.47
C GLY A 360 33.70 4.60 -13.35
N LEU A 361 33.38 4.72 -14.64
CA LEU A 361 33.61 3.69 -15.67
C LEU A 361 34.61 4.22 -16.69
N PRO A 362 35.33 3.34 -17.44
CA PRO A 362 36.26 3.84 -18.47
C PRO A 362 35.47 4.52 -19.60
N SER A 363 36.15 5.26 -20.49
CA SER A 363 35.53 5.99 -21.61
C SER A 363 34.59 5.13 -22.47
N ASN A 364 34.89 3.82 -22.63
CA ASN A 364 34.09 2.88 -23.42
C ASN A 364 32.93 2.25 -22.65
N ASN A 365 32.77 2.63 -21.35
CA ASN A 365 31.73 2.12 -20.43
C ASN A 365 31.82 0.61 -20.21
N SER A 366 33.00 0.01 -20.45
CA SER A 366 33.22 -1.42 -20.30
C SER A 366 34.18 -1.79 -19.20
N LEU A 367 33.92 -2.95 -18.56
CA LEU A 367 34.76 -3.49 -17.50
C LEU A 367 35.47 -4.77 -17.95
N ASP A 368 35.42 -5.08 -19.27
CA ASP A 368 36.03 -6.26 -19.90
C ASP A 368 37.52 -6.39 -19.66
N PHE A 369 38.22 -5.27 -19.40
CA PHE A 369 39.66 -5.22 -19.14
C PHE A 369 40.09 -5.95 -17.87
N LEU A 370 39.20 -6.02 -16.85
CA LEU A 370 39.48 -6.67 -15.55
C LEU A 370 39.74 -8.17 -15.68
N LEU B 16 -7.16 -2.06 34.34
CA LEU B 16 -6.94 -2.41 32.93
C LEU B 16 -8.21 -2.97 32.25
N SER B 17 -9.23 -3.32 33.06
CA SER B 17 -10.53 -3.86 32.59
C SER B 17 -11.27 -2.92 31.63
N THR B 18 -10.92 -1.59 31.69
CA THR B 18 -11.49 -0.56 30.83
C THR B 18 -10.94 -0.69 29.38
N SER B 19 -9.76 -1.34 29.19
CA SER B 19 -9.13 -1.54 27.88
C SER B 19 -9.69 -2.75 27.09
N LEU B 20 -10.67 -3.43 27.68
CA LEU B 20 -11.36 -4.58 27.10
C LEU B 20 -12.59 -4.11 26.33
N TYR B 21 -12.47 -4.08 24.99
CA TYR B 21 -13.47 -3.66 24.03
C TYR B 21 -13.79 -4.88 23.20
N LYS B 22 -15.04 -5.31 23.30
CA LYS B 22 -15.55 -6.51 22.67
C LYS B 22 -16.11 -6.34 21.29
N LYS B 23 -16.13 -7.46 20.54
CA LYS B 23 -16.70 -7.57 19.21
C LYS B 23 -18.04 -8.26 19.44
N ALA B 24 -19.16 -7.76 18.86
CA ALA B 24 -20.48 -8.39 19.07
C ALA B 24 -20.61 -9.73 18.34
N GLY B 25 -19.84 -9.90 17.30
CA GLY B 25 -19.88 -11.12 16.52
C GLY B 25 -18.54 -11.51 15.95
N PHE B 26 -18.59 -12.39 14.95
CA PHE B 26 -17.40 -12.88 14.27
C PHE B 26 -17.27 -12.23 12.90
N ASP B 27 -16.04 -12.17 12.38
CA ASP B 27 -15.76 -11.57 11.06
C ASP B 27 -16.13 -12.50 9.91
N GLU B 35 -32.46 -10.05 9.86
CA GLU B 35 -32.08 -8.69 10.29
C GLU B 35 -32.20 -7.65 9.16
N TYR B 36 -31.67 -7.97 7.96
CA TYR B 36 -31.73 -7.07 6.80
C TYR B 36 -33.17 -6.89 6.30
N THR B 37 -34.01 -7.95 6.42
CA THR B 37 -35.42 -7.96 6.02
C THR B 37 -36.20 -7.00 6.93
N LYS B 38 -35.89 -7.02 8.24
CA LYS B 38 -36.53 -6.14 9.22
C LYS B 38 -36.20 -4.69 8.86
N LEU B 39 -34.94 -4.43 8.48
CA LEU B 39 -34.43 -3.12 8.09
C LEU B 39 -35.08 -2.59 6.82
N LEU B 40 -35.29 -3.43 5.80
CA LEU B 40 -35.88 -3.03 4.52
C LEU B 40 -37.41 -3.09 4.41
N HIS B 41 -38.11 -3.70 5.40
CA HIS B 41 -39.57 -3.88 5.43
C HIS B 41 -40.40 -2.67 4.92
N ASP B 42 -40.18 -1.46 5.49
CA ASP B 42 -40.93 -0.26 5.09
C ASP B 42 -40.17 0.65 4.10
N GLY B 43 -39.30 0.05 3.29
CA GLY B 43 -38.49 0.75 2.31
C GLY B 43 -37.43 1.68 2.90
N ILE B 44 -36.62 2.28 2.03
CA ILE B 44 -35.57 3.21 2.44
C ILE B 44 -36.28 4.53 2.79
N GLN B 45 -36.02 5.05 3.98
CA GLN B 45 -36.62 6.27 4.50
C GLN B 45 -36.06 7.51 3.80
N PRO B 46 -36.89 8.44 3.28
CA PRO B 46 -36.33 9.67 2.68
C PRO B 46 -35.62 10.44 3.83
N VAL B 47 -34.50 11.13 3.53
CA VAL B 47 -33.70 11.82 4.56
C VAL B 47 -34.49 12.82 5.39
N ALA B 48 -35.38 13.63 4.77
CA ALA B 48 -36.16 14.62 5.51
C ALA B 48 -37.10 13.97 6.53
N ALA B 49 -37.49 12.71 6.31
CA ALA B 49 -38.37 11.95 7.21
C ALA B 49 -37.54 11.51 8.44
N ILE B 50 -36.21 11.39 8.29
CA ILE B 50 -35.33 11.07 9.43
C ILE B 50 -35.27 12.34 10.28
N ASP B 51 -34.95 13.48 9.64
CA ASP B 51 -34.86 14.78 10.30
C ASP B 51 -34.86 15.91 9.28
N SER B 52 -35.70 16.93 9.50
CA SER B 52 -35.77 18.09 8.60
C SER B 52 -34.39 18.79 8.50
N ASN B 53 -33.55 18.64 9.54
CA ASN B 53 -32.23 19.24 9.62
C ASN B 53 -31.08 18.30 9.21
N PHE B 54 -31.40 17.11 8.71
CA PHE B 54 -30.42 16.07 8.35
C PHE B 54 -29.31 16.46 7.34
N ALA B 55 -29.59 17.38 6.41
CA ALA B 55 -28.66 17.81 5.38
C ALA B 55 -27.95 19.14 5.70
N SER B 56 -28.03 19.54 6.96
CA SER B 56 -27.43 20.76 7.47
C SER B 56 -26.17 20.53 8.31
N PHE B 57 -25.21 21.48 8.23
CA PHE B 57 -23.98 21.48 9.01
C PHE B 57 -24.27 21.62 10.53
N THR B 58 -25.47 22.06 10.92
CA THR B 58 -25.85 22.19 12.34
C THR B 58 -26.44 20.86 12.89
N TYR B 59 -26.61 19.85 12.02
CA TYR B 59 -27.11 18.57 12.53
C TYR B 59 -25.99 17.84 13.25
N THR B 60 -26.33 17.24 14.39
CA THR B 60 -25.40 16.45 15.17
C THR B 60 -25.80 14.96 14.97
N PRO B 61 -25.10 14.23 14.08
CA PRO B 61 -25.44 12.82 13.84
C PRO B 61 -25.38 11.90 15.06
N ARG B 62 -24.57 12.24 16.08
CA ARG B 62 -24.48 11.46 17.32
C ARG B 62 -25.78 11.44 18.12
N SER B 63 -26.69 12.39 17.84
CA SER B 63 -28.01 12.53 18.48
C SER B 63 -28.98 11.46 17.96
N LEU B 64 -28.68 10.85 16.80
CA LEU B 64 -29.57 9.83 16.21
C LEU B 64 -29.47 8.50 16.98
N PRO B 65 -30.60 7.84 17.38
CA PRO B 65 -30.46 6.54 18.07
C PRO B 65 -29.65 5.58 17.23
N GLU B 66 -28.76 4.84 17.89
CA GLU B 66 -27.86 3.88 17.26
C GLU B 66 -28.59 2.86 16.37
N ASP B 67 -29.78 2.40 16.78
CA ASP B 67 -30.55 1.44 15.98
C ASP B 67 -31.13 2.03 14.68
N ASP B 68 -31.11 3.36 14.53
CA ASP B 68 -31.61 4.06 13.34
C ASP B 68 -30.48 4.39 12.36
N THR B 69 -29.22 4.20 12.78
CA THR B 69 -28.06 4.58 11.99
C THR B 69 -27.91 3.73 10.70
N SER B 70 -28.25 2.41 10.72
CA SER B 70 -28.13 1.60 9.49
C SER B 70 -29.11 2.06 8.41
N MET B 71 -30.36 2.43 8.81
CA MET B 71 -31.35 2.96 7.88
C MET B 71 -30.88 4.34 7.38
N ALA B 72 -30.31 5.20 8.29
CA ALA B 72 -29.77 6.52 7.89
C ALA B 72 -28.67 6.37 6.83
N ILE B 73 -27.85 5.32 6.93
CA ILE B 73 -26.80 5.05 5.94
C ILE B 73 -27.45 4.83 4.55
N LEU B 74 -28.45 3.94 4.48
CA LEU B 74 -29.20 3.64 3.24
C LEU B 74 -29.84 4.90 2.70
N SER B 75 -30.49 5.71 3.60
CA SER B 75 -31.15 6.97 3.21
C SER B 75 -30.20 7.95 2.55
N MET B 76 -28.97 8.09 3.10
CA MET B 76 -27.97 9.02 2.57
C MET B 76 -27.48 8.56 1.17
N LEU B 77 -27.22 7.24 1.02
CA LEU B 77 -26.80 6.63 -0.24
C LEU B 77 -27.91 6.78 -1.28
N GLN B 78 -29.21 6.71 -0.84
CA GLN B 78 -30.38 6.88 -1.71
C GLN B 78 -30.47 8.34 -2.15
N ASP B 79 -30.32 9.28 -1.20
CA ASP B 79 -30.41 10.71 -1.47
C ASP B 79 -29.27 11.23 -2.35
N MET B 80 -28.11 10.59 -2.27
CA MET B 80 -26.95 10.94 -3.09
C MET B 80 -27.05 10.30 -4.51
N ASN B 81 -28.12 9.50 -4.76
CA ASN B 81 -28.47 8.79 -6.00
C ASN B 81 -27.47 7.64 -6.33
N PHE B 82 -26.63 7.21 -5.35
CA PHE B 82 -25.67 6.12 -5.60
C PHE B 82 -26.33 4.77 -5.79
N ILE B 83 -27.44 4.50 -5.08
CA ILE B 83 -28.16 3.24 -5.22
C ILE B 83 -28.72 3.13 -6.65
N ASN B 84 -29.29 4.22 -7.18
CA ASN B 84 -29.85 4.27 -8.53
C ASN B 84 -28.74 4.21 -9.59
N ASN B 85 -27.77 5.14 -9.56
CA ASN B 85 -26.67 5.23 -10.52
C ASN B 85 -25.81 3.98 -10.63
N TYR B 86 -25.51 3.31 -9.52
CA TYR B 86 -24.66 2.12 -9.54
C TYR B 86 -25.43 0.82 -9.48
N LYS B 87 -26.78 0.90 -9.59
CA LYS B 87 -27.71 -0.23 -9.55
C LYS B 87 -27.46 -1.15 -8.33
N ILE B 88 -27.21 -0.54 -7.14
CA ILE B 88 -26.93 -1.30 -5.90
C ILE B 88 -28.13 -2.15 -5.48
N ASP B 89 -27.87 -3.42 -5.16
CA ASP B 89 -28.92 -4.33 -4.70
C ASP B 89 -29.16 -4.00 -3.22
N CYS B 90 -30.36 -3.51 -2.87
CA CYS B 90 -30.73 -3.11 -1.50
C CYS B 90 -30.56 -4.25 -0.46
N PRO B 91 -31.00 -5.52 -0.64
CA PRO B 91 -30.70 -6.52 0.39
C PRO B 91 -29.20 -6.68 0.59
N THR B 92 -28.40 -6.59 -0.50
CA THR B 92 -26.94 -6.67 -0.37
C THR B 92 -26.40 -5.45 0.37
N LEU B 93 -26.92 -4.26 0.08
CA LEU B 93 -26.49 -3.02 0.75
C LEU B 93 -26.87 -3.05 2.24
N ALA B 94 -28.08 -3.51 2.55
CA ALA B 94 -28.58 -3.65 3.92
C ALA B 94 -27.67 -4.60 4.71
N ARG B 95 -27.30 -5.78 4.14
CA ARG B 95 -26.38 -6.73 4.80
C ARG B 95 -24.99 -6.14 4.97
N PHE B 96 -24.47 -5.46 3.95
CA PHE B 96 -23.17 -4.82 4.02
C PHE B 96 -23.14 -3.80 5.18
N CYS B 97 -24.15 -2.93 5.26
CA CYS B 97 -24.23 -1.90 6.32
C CYS B 97 -24.23 -2.50 7.72
N LEU B 98 -24.99 -3.58 7.92
CA LEU B 98 -25.11 -4.30 9.20
C LEU B 98 -23.80 -4.96 9.58
N MET B 99 -23.07 -5.49 8.59
CA MET B 99 -21.77 -6.14 8.80
C MET B 99 -20.75 -5.08 9.21
N VAL B 100 -20.75 -3.90 8.53
CA VAL B 100 -19.82 -2.80 8.83
C VAL B 100 -20.08 -2.33 10.26
N LYS B 101 -21.35 -2.09 10.61
CA LYS B 101 -21.78 -1.67 11.95
C LYS B 101 -21.25 -2.68 13.02
N LYS B 102 -21.46 -3.97 12.79
CA LYS B 102 -21.04 -5.06 13.68
C LYS B 102 -19.50 -5.22 13.74
N GLY B 103 -18.77 -4.69 12.75
CA GLY B 103 -17.32 -4.78 12.67
C GLY B 103 -16.55 -3.81 13.57
N TYR B 104 -17.29 -2.97 14.30
CA TYR B 104 -16.67 -2.02 15.22
C TYR B 104 -16.72 -2.57 16.64
N ARG B 105 -15.69 -2.26 17.45
CA ARG B 105 -15.69 -2.69 18.86
C ARG B 105 -16.35 -1.55 19.64
N ASP B 106 -16.34 -1.59 20.97
CA ASP B 106 -16.95 -0.53 21.77
C ASP B 106 -15.94 0.31 22.60
N PRO B 107 -14.82 0.82 22.05
CA PRO B 107 -13.98 1.72 22.85
C PRO B 107 -14.71 3.08 23.03
N PRO B 108 -14.27 3.99 23.93
CA PRO B 108 -15.01 5.26 24.10
C PRO B 108 -15.19 6.11 22.84
N TYR B 109 -14.16 6.20 21.96
CA TYR B 109 -14.28 7.03 20.77
C TYR B 109 -14.29 6.28 19.41
N HIS B 110 -13.35 5.34 19.18
CA HIS B 110 -13.26 4.66 17.88
C HIS B 110 -14.25 3.49 17.72
N ASN B 111 -15.53 3.82 17.74
CA ASN B 111 -16.63 2.86 17.68
C ASN B 111 -17.51 3.17 16.47
N TRP B 112 -18.62 2.42 16.27
CA TRP B 112 -19.55 2.65 15.15
C TRP B 112 -20.14 4.08 15.08
N MET B 113 -20.51 4.71 16.24
CA MET B 113 -21.07 6.06 16.26
C MET B 113 -20.10 7.09 15.67
N HIS B 114 -18.78 6.88 15.85
CA HIS B 114 -17.73 7.69 15.27
C HIS B 114 -17.81 7.49 13.73
N ALA B 115 -17.71 6.21 13.24
CA ALA B 115 -17.79 5.96 11.81
C ALA B 115 -19.07 6.51 11.21
N PHE B 116 -20.21 6.34 11.88
CA PHE B 116 -21.48 6.86 11.37
C PHE B 116 -21.42 8.38 11.23
N SER B 117 -20.93 9.09 12.27
CA SER B 117 -20.91 10.55 12.21
C SER B 117 -19.92 11.08 11.16
N VAL B 118 -18.89 10.31 10.86
CA VAL B 118 -17.89 10.64 9.84
C VAL B 118 -18.58 10.51 8.47
N SER B 119 -19.35 9.43 8.26
CA SER B 119 -20.13 9.18 7.03
C SER B 119 -21.18 10.26 6.83
N HIS B 120 -21.87 10.67 7.90
CA HIS B 120 -22.87 11.73 7.81
C HIS B 120 -22.21 13.04 7.32
N PHE B 121 -21.02 13.34 7.82
CA PHE B 121 -20.33 14.57 7.39
C PHE B 121 -20.01 14.52 5.90
N CYS B 122 -19.65 13.32 5.37
CA CYS B 122 -19.36 13.14 3.94
C CYS B 122 -20.63 13.47 3.16
N TYR B 123 -21.78 12.95 3.64
CA TYR B 123 -23.08 13.28 3.05
C TYR B 123 -23.36 14.80 3.08
N LEU B 124 -22.95 15.51 4.17
CA LEU B 124 -23.12 16.97 4.30
C LEU B 124 -22.28 17.72 3.27
N LEU B 125 -21.07 17.20 3.00
CA LEU B 125 -20.16 17.81 2.01
C LEU B 125 -20.79 17.69 0.63
N TYR B 126 -21.36 16.52 0.31
CA TYR B 126 -22.05 16.30 -0.96
C TYR B 126 -23.24 17.28 -1.13
N LYS B 127 -24.10 17.41 -0.10
CA LYS B 127 -25.28 18.27 -0.16
C LYS B 127 -25.01 19.77 -0.15
N ASN B 128 -23.99 20.19 0.58
CA ASN B 128 -23.68 21.60 0.78
C ASN B 128 -22.55 22.20 -0.05
N LEU B 129 -21.54 21.39 -0.43
CA LEU B 129 -20.40 21.90 -1.19
C LEU B 129 -20.42 21.59 -2.68
N GLU B 130 -21.48 20.90 -3.18
CA GLU B 130 -21.66 20.52 -4.58
C GLU B 130 -20.42 19.75 -5.08
N LEU B 131 -20.08 18.67 -4.37
CA LEU B 131 -18.93 17.83 -4.66
C LEU B 131 -18.95 17.25 -6.08
N THR B 132 -20.16 17.09 -6.70
CA THR B 132 -20.33 16.57 -8.08
C THR B 132 -19.68 17.47 -9.12
N ASN B 133 -19.40 18.75 -8.76
CA ASN B 133 -18.74 19.71 -9.64
C ASN B 133 -17.21 19.69 -9.45
N TYR B 134 -16.71 18.84 -8.54
CA TYR B 134 -15.29 18.72 -8.21
C TYR B 134 -14.73 17.32 -8.45
N LEU B 135 -15.49 16.28 -8.11
CA LEU B 135 -15.03 14.89 -8.23
C LEU B 135 -15.96 14.05 -9.07
N GLU B 136 -15.48 12.87 -9.46
CA GLU B 136 -16.27 11.91 -10.23
C GLU B 136 -17.25 11.23 -9.26
N ASP B 137 -18.37 10.76 -9.79
CA ASP B 137 -19.41 10.08 -9.01
C ASP B 137 -18.88 8.87 -8.24
N ILE B 138 -17.97 8.08 -8.86
CA ILE B 138 -17.37 6.89 -8.24
C ILE B 138 -16.47 7.26 -7.05
N GLU B 139 -15.79 8.40 -7.17
CA GLU B 139 -14.87 8.92 -6.16
C GLU B 139 -15.62 9.35 -4.92
N ILE B 140 -16.77 10.03 -5.08
CA ILE B 140 -17.61 10.48 -3.97
C ILE B 140 -18.19 9.23 -3.29
N PHE B 141 -18.63 8.27 -4.09
CA PHE B 141 -19.20 7.01 -3.59
C PHE B 141 -18.17 6.25 -2.78
N ALA B 142 -16.93 6.13 -3.29
CA ALA B 142 -15.83 5.45 -2.59
C ALA B 142 -15.51 6.17 -1.30
N LEU B 143 -15.51 7.53 -1.31
CA LEU B 143 -15.26 8.35 -0.12
C LEU B 143 -16.28 8.00 0.98
N PHE B 144 -17.59 7.93 0.65
CA PHE B 144 -18.67 7.60 1.58
C PHE B 144 -18.52 6.18 2.18
N ILE B 145 -18.24 5.18 1.33
CA ILE B 145 -18.05 3.80 1.79
C ILE B 145 -16.82 3.74 2.68
N SER B 146 -15.76 4.49 2.30
CA SER B 146 -14.52 4.56 3.08
C SER B 146 -14.78 5.16 4.47
N CYS B 147 -15.60 6.23 4.56
CA CYS B 147 -15.98 6.84 5.84
C CYS B 147 -16.62 5.76 6.76
N MET B 148 -17.52 4.93 6.20
CA MET B 148 -18.18 3.86 6.95
C MET B 148 -17.21 2.82 7.54
N CYS B 149 -16.19 2.46 6.74
CA CYS B 149 -15.22 1.44 7.05
C CYS B 149 -13.92 1.90 7.66
N HIS B 150 -13.58 3.22 7.67
CA HIS B 150 -12.24 3.77 7.98
C HIS B 150 -11.63 3.41 9.34
N ASP B 151 -12.43 2.93 10.32
CA ASP B 151 -11.86 2.55 11.64
C ASP B 151 -12.31 1.14 12.06
N LEU B 152 -12.75 0.31 11.09
CA LEU B 152 -13.24 -1.06 11.40
C LEU B 152 -12.30 -1.84 12.30
N ASP B 153 -12.86 -2.47 13.37
CA ASP B 153 -12.08 -3.29 14.31
C ASP B 153 -10.98 -2.51 15.10
N HIS B 154 -11.18 -1.19 15.31
CA HIS B 154 -10.22 -0.37 16.09
C HIS B 154 -10.22 -0.93 17.53
N ARG B 155 -9.04 -1.02 18.13
CA ARG B 155 -8.85 -1.61 19.45
C ARG B 155 -8.75 -0.57 20.57
N GLY B 156 -8.92 0.71 20.21
CA GLY B 156 -8.81 1.82 21.15
C GLY B 156 -7.35 2.10 21.46
N THR B 157 -6.46 1.70 20.54
CA THR B 157 -5.02 1.91 20.65
C THR B 157 -4.46 2.50 19.37
N ASN B 158 -3.33 3.20 19.46
CA ASN B 158 -2.69 3.81 18.31
C ASN B 158 -1.77 2.83 17.55
N ASN B 159 -1.16 3.30 16.45
CA ASN B 159 -0.22 2.48 15.65
C ASN B 159 1.01 2.15 16.45
N SER B 160 1.46 3.09 17.30
CA SER B 160 2.64 2.90 18.16
C SER B 160 2.44 1.72 19.11
N PHE B 161 1.27 1.63 19.78
CA PHE B 161 0.94 0.54 20.71
C PHE B 161 0.98 -0.83 20.04
N GLN B 162 0.56 -0.93 18.76
CA GLN B 162 0.57 -2.20 18.02
C GLN B 162 2.00 -2.75 17.97
N VAL B 163 2.98 -1.86 17.68
CA VAL B 163 4.40 -2.20 17.67
C VAL B 163 4.85 -2.61 19.10
N ALA B 164 4.63 -1.75 20.14
CA ALA B 164 5.02 -2.00 21.54
C ALA B 164 4.41 -3.25 22.19
N SER B 165 3.20 -3.66 21.78
CA SER B 165 2.57 -4.86 22.33
C SER B 165 2.84 -6.09 21.45
N LYS B 166 3.61 -5.91 20.35
CA LYS B 166 4.02 -6.94 19.36
C LYS B 166 2.81 -7.76 18.85
N SER B 167 1.68 -7.08 18.57
CA SER B 167 0.43 -7.69 18.10
C SER B 167 0.54 -8.29 16.71
N VAL B 168 -0.48 -9.07 16.33
CA VAL B 168 -0.62 -9.72 15.03
C VAL B 168 -0.66 -8.67 13.93
N LEU B 169 -1.34 -7.51 14.18
CA LEU B 169 -1.46 -6.40 13.23
C LEU B 169 -0.11 -5.78 12.89
N ALA B 170 0.75 -5.59 13.90
CA ALA B 170 2.09 -5.04 13.73
C ALA B 170 2.97 -5.97 12.89
N ALA B 171 2.85 -7.30 13.08
CA ALA B 171 3.60 -8.31 12.35
C ALA B 171 3.21 -8.34 10.86
N LEU B 172 1.91 -8.16 10.56
CA LEU B 172 1.43 -8.14 9.18
C LEU B 172 1.72 -6.82 8.46
N TYR B 173 1.56 -5.65 9.15
CA TYR B 173 1.63 -4.35 8.49
C TYR B 173 2.69 -3.30 8.84
N SER B 174 3.46 -3.41 9.95
CA SER B 174 4.41 -2.32 10.27
C SER B 174 5.44 -2.02 9.16
N SER B 175 5.87 -3.06 8.42
CA SER B 175 6.83 -2.94 7.31
C SER B 175 6.18 -2.32 6.05
N GLU B 176 4.85 -2.09 6.08
CA GLU B 176 4.10 -1.47 4.99
C GLU B 176 3.63 -0.08 5.44
N GLY B 177 3.70 0.17 6.76
CA GLY B 177 3.29 1.42 7.39
C GLY B 177 1.78 1.51 7.61
N SER B 178 1.34 2.44 8.49
CA SER B 178 -0.09 2.71 8.81
C SER B 178 -0.81 1.43 9.24
N VAL B 179 -0.28 0.79 10.29
CA VAL B 179 -0.77 -0.49 10.85
C VAL B 179 -2.29 -0.60 10.96
N MET B 180 -2.94 0.25 11.80
CA MET B 180 -4.41 0.17 11.98
C MET B 180 -5.16 0.45 10.72
N GLU B 181 -4.72 1.46 9.95
CA GLU B 181 -5.37 1.84 8.69
C GLU B 181 -5.37 0.72 7.69
N ARG B 182 -4.26 -0.05 7.58
CA ARG B 182 -4.18 -1.19 6.65
C ARG B 182 -5.13 -2.29 7.13
N HIS B 183 -5.23 -2.46 8.46
CA HIS B 183 -6.15 -3.43 9.05
C HIS B 183 -7.63 -3.00 8.80
N HIS B 184 -7.95 -1.68 8.93
CA HIS B 184 -9.31 -1.16 8.69
C HIS B 184 -9.73 -1.49 7.24
N PHE B 185 -8.82 -1.23 6.27
CA PHE B 185 -9.09 -1.54 4.87
C PHE B 185 -9.19 -3.06 4.67
N ALA B 186 -8.28 -3.87 5.27
CA ALA B 186 -8.37 -5.34 5.14
C ALA B 186 -9.70 -5.86 5.67
N GLN B 187 -10.19 -5.29 6.80
CA GLN B 187 -11.50 -5.67 7.37
C GLN B 187 -12.63 -5.31 6.40
N ALA B 188 -12.51 -4.16 5.68
CA ALA B 188 -13.51 -3.73 4.71
C ALA B 188 -13.65 -4.75 3.57
N ILE B 189 -12.51 -5.23 3.05
CA ILE B 189 -12.44 -6.22 1.94
C ILE B 189 -13.07 -7.55 2.38
N ALA B 190 -12.77 -8.00 3.62
CA ALA B 190 -13.31 -9.25 4.20
C ALA B 190 -14.84 -9.19 4.23
N ILE B 191 -15.43 -8.02 4.56
CA ILE B 191 -16.90 -7.85 4.60
C ILE B 191 -17.46 -7.96 3.17
N LEU B 192 -16.85 -7.30 2.19
CA LEU B 192 -17.30 -7.40 0.80
C LEU B 192 -17.22 -8.90 0.36
N ASN B 193 -16.12 -9.58 0.70
CA ASN B 193 -15.90 -11.00 0.38
C ASN B 193 -16.75 -11.98 1.22
N THR B 194 -17.62 -11.45 2.10
CA THR B 194 -18.52 -12.27 2.87
C THR B 194 -19.75 -12.45 1.96
N HIS B 195 -20.23 -13.72 1.86
CA HIS B 195 -21.39 -14.11 1.06
C HIS B 195 -22.58 -13.17 1.29
N GLY B 196 -23.06 -12.56 0.21
CA GLY B 196 -24.20 -11.64 0.21
C GLY B 196 -23.92 -10.23 0.66
N CYS B 197 -22.64 -9.81 0.74
CA CYS B 197 -22.25 -8.47 1.20
C CYS B 197 -21.46 -7.66 0.18
N ASN B 198 -21.19 -8.26 -1.00
CA ASN B 198 -20.44 -7.56 -2.02
C ASN B 198 -21.34 -6.61 -2.82
N ILE B 199 -21.43 -5.34 -2.35
CA ILE B 199 -22.26 -4.32 -2.97
C ILE B 199 -21.76 -3.89 -4.38
N PHE B 200 -20.53 -4.28 -4.74
CA PHE B 200 -19.88 -3.97 -6.03
C PHE B 200 -19.60 -5.20 -6.94
N ASP B 201 -20.07 -6.41 -6.59
CA ASP B 201 -19.78 -7.64 -7.36
C ASP B 201 -20.29 -7.66 -8.82
N HIS B 202 -21.14 -6.70 -9.22
CA HIS B 202 -21.67 -6.59 -10.59
C HIS B 202 -20.80 -5.63 -11.41
N PHE B 203 -19.90 -4.87 -10.73
CA PHE B 203 -18.99 -3.92 -11.38
C PHE B 203 -18.05 -4.65 -12.33
N SER B 204 -17.58 -3.96 -13.37
CA SER B 204 -16.63 -4.54 -14.33
C SER B 204 -15.28 -4.70 -13.59
N ARG B 205 -14.34 -5.48 -14.16
CA ARG B 205 -13.04 -5.67 -13.51
C ARG B 205 -12.30 -4.36 -13.29
N LYS B 206 -12.38 -3.42 -14.24
CA LYS B 206 -11.72 -2.12 -14.11
C LYS B 206 -12.35 -1.26 -12.98
N ASP B 207 -13.69 -1.21 -12.93
CA ASP B 207 -14.44 -0.42 -11.94
C ASP B 207 -14.31 -1.00 -10.55
N TYR B 208 -14.37 -2.34 -10.46
CA TYR B 208 -14.19 -3.04 -9.20
C TYR B 208 -12.81 -2.71 -8.66
N GLN B 209 -11.73 -2.86 -9.49
CA GLN B 209 -10.36 -2.54 -9.07
C GLN B 209 -10.23 -1.06 -8.67
N ARG B 210 -10.84 -0.14 -9.47
CA ARG B 210 -10.81 1.30 -9.18
C ARG B 210 -11.46 1.60 -7.83
N MET B 211 -12.62 1.00 -7.55
CA MET B 211 -13.36 1.17 -6.27
C MET B 211 -12.49 0.71 -5.08
N LEU B 212 -11.87 -0.47 -5.21
CA LEU B 212 -11.04 -1.06 -4.16
C LEU B 212 -9.78 -0.25 -3.90
N ASP B 213 -9.18 0.34 -4.97
CA ASP B 213 -7.97 1.16 -4.83
C ASP B 213 -8.33 2.52 -4.22
N LEU B 214 -9.52 3.08 -4.57
CA LEU B 214 -9.96 4.37 -3.99
C LEU B 214 -10.14 4.12 -2.47
N MET B 215 -10.87 3.05 -2.08
CA MET B 215 -11.06 2.66 -0.66
C MET B 215 -9.75 2.48 0.08
N ARG B 216 -8.73 1.87 -0.55
CA ARG B 216 -7.41 1.71 0.10
C ARG B 216 -6.74 3.04 0.36
N ASP B 217 -6.62 3.88 -0.68
CA ASP B 217 -5.99 5.20 -0.61
C ASP B 217 -6.72 6.11 0.38
N ILE B 218 -8.06 6.18 0.29
CA ILE B 218 -8.88 7.03 1.20
C ILE B 218 -8.76 6.56 2.69
N ILE B 219 -8.84 5.25 2.97
CA ILE B 219 -8.67 4.74 4.35
C ILE B 219 -7.26 5.04 4.85
N LEU B 220 -6.21 4.86 3.99
CA LEU B 220 -4.83 5.17 4.39
C LEU B 220 -4.65 6.67 4.67
N ALA B 221 -5.47 7.52 4.03
CA ALA B 221 -5.42 8.96 4.24
C ALA B 221 -5.82 9.36 5.67
N THR B 222 -6.52 8.47 6.42
CA THR B 222 -6.93 8.74 7.81
C THR B 222 -5.76 8.71 8.79
N ASP B 223 -4.59 8.21 8.34
CA ASP B 223 -3.42 8.24 9.21
C ASP B 223 -2.96 9.72 9.17
N LEU B 224 -2.89 10.38 10.34
CA LEU B 224 -2.48 11.79 10.49
C LEU B 224 -1.10 12.01 9.85
N ALA B 225 -0.19 11.02 9.99
CA ALA B 225 1.17 11.03 9.44
C ALA B 225 1.10 11.25 7.92
N HIS B 226 0.14 10.56 7.25
CA HIS B 226 -0.10 10.70 5.81
C HIS B 226 -0.54 12.15 5.49
N HIS B 227 -1.49 12.70 6.28
CA HIS B 227 -2.00 14.07 6.10
C HIS B 227 -0.85 15.09 6.16
N LEU B 228 0.06 14.96 7.13
CA LEU B 228 1.21 15.86 7.25
C LEU B 228 2.19 15.75 6.05
N ARG B 229 2.31 14.55 5.44
CA ARG B 229 3.16 14.32 4.26
C ARG B 229 2.58 15.01 3.01
N ILE B 230 1.23 15.08 2.91
CA ILE B 230 0.59 15.69 1.76
C ILE B 230 0.17 17.16 2.05
N PHE B 231 0.32 17.64 3.29
CA PHE B 231 -0.06 19.00 3.68
C PHE B 231 0.42 20.12 2.72
N LYS B 232 1.74 20.17 2.45
CA LYS B 232 2.34 21.18 1.56
C LYS B 232 1.71 21.14 0.17
N ASP B 233 1.37 19.93 -0.32
CA ASP B 233 0.72 19.72 -1.61
C ASP B 233 -0.73 20.19 -1.56
N LEU B 234 -1.39 20.05 -0.39
CA LEU B 234 -2.78 20.48 -0.16
C LEU B 234 -2.80 22.02 -0.22
N GLN B 235 -1.85 22.66 0.51
CA GLN B 235 -1.67 24.12 0.54
C GLN B 235 -1.43 24.62 -0.89
N LYS B 236 -0.58 23.91 -1.66
CA LYS B 236 -0.25 24.24 -3.06
C LYS B 236 -1.49 24.18 -3.94
N MET B 237 -2.34 23.13 -3.78
CA MET B 237 -3.57 22.97 -4.57
C MET B 237 -4.56 24.10 -4.26
N ALA B 238 -4.63 24.52 -2.98
CA ALA B 238 -5.50 25.58 -2.46
C ALA B 238 -5.12 26.97 -3.01
N GLU B 239 -3.81 27.27 -3.10
CA GLU B 239 -3.33 28.57 -3.59
C GLU B 239 -3.41 28.71 -5.13
N VAL B 240 -3.17 27.64 -5.91
CA VAL B 240 -3.25 27.73 -7.37
C VAL B 240 -4.70 27.52 -7.87
N GLY B 241 -5.54 26.95 -7.01
CA GLY B 241 -6.93 26.69 -7.32
C GLY B 241 -7.20 25.29 -7.85
N TYR B 242 -8.36 24.73 -7.51
CA TYR B 242 -8.76 23.39 -7.91
C TYR B 242 -8.99 23.27 -9.42
N ASP B 243 -8.49 22.17 -10.00
CA ASP B 243 -8.61 21.83 -11.41
C ASP B 243 -9.27 20.45 -11.51
N ARG B 244 -10.56 20.44 -11.88
CA ARG B 244 -11.39 19.23 -12.03
C ARG B 244 -10.91 18.30 -13.16
N ASN B 245 -9.97 18.77 -14.01
CA ASN B 245 -9.39 17.97 -15.10
C ASN B 245 -8.02 17.39 -14.72
N ASN B 246 -7.50 17.80 -13.54
CA ASN B 246 -6.22 17.36 -12.99
C ASN B 246 -6.47 16.14 -12.10
N LYS B 247 -5.86 14.99 -12.46
CA LYS B 247 -6.03 13.75 -11.72
C LYS B 247 -5.34 13.76 -10.35
N GLN B 248 -4.26 14.55 -10.13
CA GLN B 248 -3.64 14.59 -8.81
C GLN B 248 -4.48 15.46 -7.88
N HIS B 249 -5.24 16.40 -8.46
CA HIS B 249 -6.12 17.29 -7.68
C HIS B 249 -7.26 16.50 -7.05
N HIS B 250 -7.82 15.52 -7.79
CA HIS B 250 -8.88 14.65 -7.33
C HIS B 250 -8.34 13.83 -6.16
N ARG B 251 -7.14 13.25 -6.36
CA ARG B 251 -6.44 12.45 -5.35
C ARG B 251 -6.23 13.21 -4.05
N LEU B 252 -5.63 14.42 -4.12
CA LEU B 252 -5.35 15.28 -2.96
C LEU B 252 -6.64 15.76 -2.28
N LEU B 253 -7.69 16.13 -3.07
CA LEU B 253 -8.96 16.59 -2.52
C LEU B 253 -9.63 15.46 -1.73
N LEU B 254 -9.67 14.21 -2.27
CA LEU B 254 -10.24 13.05 -1.59
C LEU B 254 -9.61 12.84 -0.21
N CYS B 255 -8.29 13.06 -0.10
CA CYS B 255 -7.55 12.94 1.15
C CYS B 255 -7.98 14.00 2.14
N LEU B 256 -8.03 15.26 1.68
CA LEU B 256 -8.45 16.37 2.51
C LEU B 256 -9.89 16.17 3.02
N LEU B 257 -10.80 15.76 2.13
CA LEU B 257 -12.19 15.54 2.50
C LEU B 257 -12.31 14.44 3.53
N MET B 258 -11.54 13.34 3.37
CA MET B 258 -11.54 12.23 4.33
C MET B 258 -11.15 12.75 5.73
N THR B 259 -10.02 13.50 5.83
N THR B 259 -10.03 13.49 5.82
CA THR B 259 -9.55 14.06 7.12
CA THR B 259 -9.54 14.08 7.07
C THR B 259 -10.59 15.06 7.68
C THR B 259 -10.59 15.04 7.66
N SER B 260 -11.30 15.82 6.80
CA SER B 260 -12.35 16.78 7.20
C SER B 260 -13.53 16.05 7.85
N CYS B 261 -13.86 14.86 7.32
CA CYS B 261 -14.95 14.03 7.84
C CYS B 261 -14.58 13.42 9.18
N ASP B 262 -13.34 12.93 9.30
CA ASP B 262 -12.80 12.29 10.48
C ASP B 262 -12.79 13.18 11.72
N LEU B 263 -12.49 14.48 11.51
CA LEU B 263 -12.40 15.47 12.58
C LEU B 263 -13.61 16.35 12.70
N SER B 264 -14.69 16.00 11.98
CA SER B 264 -15.93 16.78 11.88
C SER B 264 -16.66 17.05 13.21
N ASP B 265 -16.31 16.34 14.31
CA ASP B 265 -16.93 16.61 15.63
C ASP B 265 -16.56 18.03 16.08
N GLN B 266 -15.39 18.53 15.63
CA GLN B 266 -14.87 19.89 15.93
C GLN B 266 -15.69 21.00 15.27
N THR B 267 -16.50 20.66 14.25
CA THR B 267 -17.32 21.67 13.54
C THR B 267 -18.73 21.73 14.15
N LYS B 268 -18.96 21.06 15.29
CA LYS B 268 -20.31 21.05 15.87
C LYS B 268 -20.40 22.08 17.02
N GLY B 269 -21.35 21.91 17.92
CA GLY B 269 -21.49 22.82 19.05
C GLY B 269 -20.47 22.54 20.13
N TRP B 270 -20.33 23.45 21.11
CA TRP B 270 -19.38 23.28 22.23
C TRP B 270 -19.66 21.98 23.00
N LYS B 271 -20.94 21.64 23.20
CA LYS B 271 -21.35 20.41 23.88
C LYS B 271 -20.73 19.16 23.22
N THR B 272 -20.66 19.14 21.86
CA THR B 272 -20.08 18.03 21.09
C THR B 272 -18.55 17.94 21.28
N THR B 273 -17.81 19.02 21.00
CA THR B 273 -16.35 19.04 21.15
C THR B 273 -15.95 18.64 22.59
N ARG B 274 -16.67 19.10 23.63
CA ARG B 274 -16.43 18.80 25.03
C ARG B 274 -16.68 17.30 25.28
N LYS B 275 -17.81 16.76 24.80
CA LYS B 275 -18.12 15.34 24.96
C LYS B 275 -17.10 14.43 24.22
N ILE B 276 -16.62 14.88 23.05
CA ILE B 276 -15.67 14.10 22.24
C ILE B 276 -14.28 14.10 22.91
N ALA B 277 -13.82 15.22 23.53
CA ALA B 277 -12.55 15.24 24.25
C ALA B 277 -12.60 14.26 25.45
N GLU B 278 -13.76 14.15 26.10
CA GLU B 278 -13.97 13.25 27.24
C GLU B 278 -13.79 11.78 26.77
N LEU B 279 -14.40 11.46 25.62
CA LEU B 279 -14.32 10.12 25.03
C LEU B 279 -12.91 9.82 24.50
N ILE B 280 -12.26 10.79 23.83
CA ILE B 280 -10.91 10.60 23.30
C ILE B 280 -9.90 10.39 24.42
N TYR B 281 -9.93 11.23 25.48
CA TYR B 281 -8.98 11.12 26.57
C TYR B 281 -9.25 9.90 27.43
N LYS B 282 -10.51 9.44 27.57
CA LYS B 282 -10.84 8.20 28.32
C LYS B 282 -10.19 7.04 27.57
N GLU B 283 -10.26 7.06 26.22
CA GLU B 283 -9.66 6.03 25.39
C GLU B 283 -8.13 6.09 25.50
N PHE B 284 -7.56 7.31 25.34
CA PHE B 284 -6.11 7.54 25.38
C PHE B 284 -5.53 7.10 26.73
N PHE B 285 -6.15 7.51 27.85
CA PHE B 285 -5.69 7.20 29.20
C PHE B 285 -5.75 5.73 29.51
N SER B 286 -6.74 5.01 28.95
CA SER B 286 -6.83 3.54 29.12
C SER B 286 -5.63 2.92 28.40
N GLN B 287 -5.23 3.48 27.21
CA GLN B 287 -4.03 2.96 26.52
C GLN B 287 -2.77 3.27 27.35
N GLY B 288 -2.76 4.44 27.99
CA GLY B 288 -1.67 4.85 28.85
C GLY B 288 -1.52 3.96 30.07
N ASP B 289 -2.65 3.60 30.74
CA ASP B 289 -2.72 2.72 31.93
C ASP B 289 -2.23 1.33 31.61
N LEU B 290 -2.66 0.82 30.44
CA LEU B 290 -2.29 -0.49 29.94
C LEU B 290 -0.79 -0.49 29.61
N GLU B 291 -0.27 0.60 29.03
CA GLU B 291 1.15 0.71 28.72
C GLU B 291 2.00 0.74 30.00
N LYS B 292 1.45 1.34 31.09
CA LYS B 292 2.10 1.44 32.40
C LYS B 292 2.18 0.07 33.06
N ALA B 293 1.11 -0.74 32.89
CA ALA B 293 0.99 -2.11 33.42
C ALA B 293 1.98 -3.03 32.69
N MET B 294 2.35 -2.67 31.44
CA MET B 294 3.29 -3.39 30.59
C MET B 294 4.74 -3.00 30.93
N GLY B 295 4.88 -2.00 31.79
CA GLY B 295 6.18 -1.47 32.22
C GLY B 295 6.78 -0.48 31.25
N ASN B 296 5.93 0.18 30.45
CA ASN B 296 6.34 1.17 29.45
C ASN B 296 5.83 2.58 29.78
N ARG B 297 6.51 3.60 29.28
CA ARG B 297 6.14 5.00 29.50
C ARG B 297 5.27 5.51 28.35
N PRO B 298 3.97 5.81 28.60
CA PRO B 298 3.11 6.26 27.49
C PRO B 298 3.43 7.67 26.99
N MET B 299 2.77 8.10 25.88
CA MET B 299 2.89 9.45 25.32
C MET B 299 2.34 10.35 26.42
N GLU B 300 2.81 11.61 26.51
CA GLU B 300 2.30 12.54 27.54
C GLU B 300 0.78 12.74 27.41
N MET B 301 0.27 12.84 26.17
CA MET B 301 -1.17 13.03 25.91
C MET B 301 -2.02 11.81 26.28
N MET B 302 -1.37 10.63 26.47
CA MET B 302 -2.02 9.38 26.85
C MET B 302 -1.78 9.02 28.33
N ASP B 303 -1.02 9.87 29.06
CA ASP B 303 -0.73 9.66 30.48
C ASP B 303 -1.68 10.54 31.31
N ARG B 304 -2.55 9.92 32.13
CA ARG B 304 -3.53 10.66 32.95
C ARG B 304 -2.93 11.55 34.04
N GLU B 305 -1.63 11.38 34.32
CA GLU B 305 -0.91 12.16 35.33
C GLU B 305 -0.12 13.32 34.71
N LYS B 306 0.20 13.24 33.40
CA LYS B 306 0.94 14.26 32.67
C LYS B 306 0.03 15.21 31.88
N ALA B 307 -0.86 14.66 31.03
CA ALA B 307 -1.81 15.33 30.12
C ALA B 307 -2.64 16.48 30.71
N TYR B 308 -2.57 17.68 30.09
CA TYR B 308 -3.40 18.81 30.50
C TYR B 308 -4.34 19.04 29.31
N ILE B 309 -5.53 18.39 29.37
CA ILE B 309 -6.57 18.36 28.33
C ILE B 309 -6.80 19.73 27.64
N PRO B 310 -7.12 20.86 28.32
CA PRO B 310 -7.33 22.11 27.55
C PRO B 310 -6.16 22.49 26.67
N GLU B 311 -4.91 22.42 27.19
CA GLU B 311 -3.72 22.76 26.42
C GLU B 311 -3.53 21.78 25.25
N LEU B 312 -3.79 20.50 25.48
CA LEU B 312 -3.65 19.49 24.41
C LEU B 312 -4.72 19.70 23.31
N GLN B 313 -5.96 20.06 23.73
CA GLN B 313 -7.09 20.34 22.84
C GLN B 313 -6.81 21.57 22.03
N ILE B 314 -6.30 22.64 22.69
CA ILE B 314 -5.93 23.89 22.02
C ILE B 314 -4.87 23.60 20.95
N SER B 315 -3.82 22.84 21.31
CA SER B 315 -2.70 22.46 20.42
C SER B 315 -3.22 21.67 19.19
N PHE B 316 -4.06 20.64 19.40
CA PHE B 316 -4.66 19.84 18.32
C PHE B 316 -5.53 20.74 17.44
N MET B 317 -6.30 21.65 18.04
CA MET B 317 -7.14 22.53 17.22
C MET B 317 -6.30 23.53 16.39
N GLU B 318 -5.27 24.13 16.99
CA GLU B 318 -4.42 25.08 16.30
C GLU B 318 -3.48 24.46 15.23
N HIS B 319 -2.89 23.29 15.52
CA HIS B 319 -1.94 22.64 14.60
C HIS B 319 -2.51 21.58 13.67
N ILE B 320 -3.69 21.00 14.00
CA ILE B 320 -4.25 19.96 13.14
C ILE B 320 -5.57 20.37 12.51
N ALA B 321 -6.63 20.50 13.34
CA ALA B 321 -8.01 20.77 12.94
C ALA B 321 -8.23 22.09 12.17
N MET B 322 -7.84 23.27 12.72
CA MET B 322 -8.06 24.56 12.03
C MET B 322 -7.36 24.65 10.67
N PRO B 323 -6.09 24.22 10.50
CA PRO B 323 -5.48 24.26 9.15
C PRO B 323 -6.26 23.44 8.12
N ILE B 324 -6.88 22.31 8.56
CA ILE B 324 -7.70 21.45 7.69
C ILE B 324 -8.94 22.20 7.24
N TYR B 325 -9.65 22.87 8.17
CA TYR B 325 -10.86 23.58 7.77
C TYR B 325 -10.55 24.91 7.06
N LYS B 326 -9.35 25.45 7.25
CA LYS B 326 -8.92 26.68 6.54
C LYS B 326 -8.67 26.33 5.07
N LEU B 327 -8.09 25.15 4.81
CA LEU B 327 -7.85 24.63 3.46
C LEU B 327 -9.17 24.34 2.78
N LEU B 328 -10.11 23.69 3.52
CA LEU B 328 -11.45 23.39 3.02
C LEU B 328 -12.16 24.70 2.62
N GLN B 329 -12.07 25.74 3.46
CA GLN B 329 -12.66 27.07 3.22
C GLN B 329 -12.06 27.73 1.95
N ASP B 330 -10.72 27.67 1.80
CA ASP B 330 -9.99 28.22 0.63
C ASP B 330 -10.44 27.59 -0.67
N LEU B 331 -10.79 26.29 -0.62
CA LEU B 331 -11.27 25.55 -1.79
C LEU B 331 -12.77 25.68 -2.00
N PHE B 332 -13.52 25.77 -0.91
CA PHE B 332 -14.98 25.88 -0.93
C PHE B 332 -15.42 27.04 -0.04
N PRO B 333 -15.67 28.26 -0.60
CA PRO B 333 -16.12 29.38 0.27
C PRO B 333 -17.33 29.04 1.14
N LYS B 334 -18.18 28.09 0.68
CA LYS B 334 -19.38 27.62 1.40
C LYS B 334 -19.02 26.84 2.69
N ALA B 335 -17.72 26.49 2.85
CA ALA B 335 -17.18 25.78 4.02
C ALA B 335 -16.68 26.76 5.09
N ALA B 336 -16.79 28.10 4.84
CA ALA B 336 -16.33 29.12 5.80
C ALA B 336 -16.93 28.93 7.19
N GLU B 337 -18.24 28.62 7.27
CA GLU B 337 -18.92 28.41 8.56
C GLU B 337 -18.31 27.29 9.40
N LEU B 338 -17.72 26.26 8.73
CA LEU B 338 -17.07 25.12 9.39
C LEU B 338 -15.81 25.59 10.09
N TYR B 339 -14.96 26.36 9.39
CA TYR B 339 -13.74 26.92 9.94
C TYR B 339 -14.11 27.83 11.15
N GLU B 340 -15.13 28.70 10.97
CA GLU B 340 -15.60 29.61 12.02
C GLU B 340 -16.00 28.83 13.27
N ARG B 341 -16.72 27.70 13.09
CA ARG B 341 -17.12 26.84 14.22
C ARG B 341 -15.91 26.25 14.94
N VAL B 342 -14.91 25.73 14.19
CA VAL B 342 -13.69 25.17 14.77
C VAL B 342 -12.94 26.26 15.56
N ALA B 343 -12.79 27.49 14.98
CA ALA B 343 -12.12 28.62 15.65
C ALA B 343 -12.85 28.98 16.96
N SER B 344 -14.21 29.03 16.94
CA SER B 344 -15.05 29.33 18.11
C SER B 344 -14.86 28.28 19.20
N ASN B 345 -14.77 26.97 18.83
CA ASN B 345 -14.58 25.92 19.83
C ASN B 345 -13.20 26.02 20.47
N ARG B 346 -12.20 26.47 19.70
CA ARG B 346 -10.83 26.69 20.16
C ARG B 346 -10.79 27.83 21.22
N GLU B 347 -11.54 28.94 20.99
CA GLU B 347 -11.64 30.09 21.92
C GLU B 347 -12.29 29.61 23.20
N HIS B 348 -13.31 28.73 23.05
CA HIS B 348 -14.05 28.12 24.15
C HIS B 348 -13.14 27.25 25.04
N TRP B 349 -12.15 26.54 24.44
CA TRP B 349 -11.18 25.72 25.18
C TRP B 349 -10.18 26.63 25.92
N THR B 350 -9.82 27.83 25.35
CA THR B 350 -8.90 28.72 26.07
C THR B 350 -9.65 29.33 27.26
N LYS B 351 -10.98 29.55 27.14
CA LYS B 351 -11.79 30.05 28.25
C LYS B 351 -11.84 28.99 29.38
N VAL B 352 -11.93 27.70 29.02
CA VAL B 352 -11.96 26.55 29.93
C VAL B 352 -10.62 26.38 30.66
N SER B 353 -9.49 26.62 29.96
CA SER B 353 -8.15 26.50 30.53
C SER B 353 -7.91 27.40 31.76
N HIS B 354 -8.74 28.47 31.92
CA HIS B 354 -8.65 29.40 33.06
C HIS B 354 -9.60 28.94 34.20
N LYS B 355 -10.20 27.73 34.09
CA LYS B 355 -11.11 27.13 35.08
C LYS B 355 -11.03 25.57 35.10
N PHE B 356 -9.89 25.03 34.64
CA PHE B 356 -9.59 23.60 34.57
C PHE B 356 -8.29 23.44 35.33
N THR B 357 -8.39 23.01 36.60
CA THR B 357 -7.22 22.90 37.47
C THR B 357 -6.75 21.47 37.75
N ILE B 358 -6.81 20.56 36.77
CA ILE B 358 -6.39 19.17 36.96
C ILE B 358 -5.65 18.58 35.78
N ARG B 359 -4.75 17.63 36.05
CA ARG B 359 -4.05 16.90 35.01
C ARG B 359 -4.97 15.70 34.76
N GLY B 360 -5.11 15.32 33.49
CA GLY B 360 -5.97 14.21 33.10
C GLY B 360 -7.44 14.57 33.18
N LEU B 361 -8.27 13.58 33.55
CA LEU B 361 -9.71 13.70 33.69
C LEU B 361 -10.12 13.57 35.14
N PRO B 362 -11.28 14.15 35.54
CA PRO B 362 -11.75 13.96 36.92
C PRO B 362 -12.05 12.48 37.17
N SER B 363 -12.10 12.07 38.45
CA SER B 363 -12.33 10.69 38.89
C SER B 363 -13.57 9.99 38.27
N ASN B 364 -14.64 10.75 37.99
CA ASN B 364 -15.87 10.23 37.39
C ASN B 364 -15.80 10.20 35.86
N ASN B 365 -14.60 10.51 35.29
CA ASN B 365 -14.30 10.59 33.85
C ASN B 365 -15.23 11.54 33.12
N SER B 366 -15.86 12.48 33.85
CA SER B 366 -16.78 13.41 33.24
C SER B 366 -16.22 14.82 33.19
N LEU B 367 -16.42 15.47 32.04
CA LEU B 367 -16.00 16.83 31.78
C LEU B 367 -17.16 17.81 32.01
N ASP B 368 -18.25 17.33 32.64
CA ASP B 368 -19.46 18.11 32.95
C ASP B 368 -19.25 19.18 34.04
N PHE B 369 -18.12 19.14 34.77
CA PHE B 369 -17.78 20.12 35.81
C PHE B 369 -17.63 21.53 35.23
N LEU B 370 -17.63 21.63 33.88
CA LEU B 370 -17.54 22.88 33.11
C LEU B 370 -19.00 23.32 32.79
N ASP B 371 -19.78 23.65 33.83
CA ASP B 371 -21.18 24.08 33.72
C ASP B 371 -21.61 24.92 34.92
#